data_8PLI
#
_entry.id   8PLI
#
_cell.length_a   62.470
_cell.length_b   103.840
_cell.length_c   133.540
_cell.angle_alpha   90.000
_cell.angle_beta   91.960
_cell.angle_gamma   90.000
#
_symmetry.space_group_name_H-M   'P 1 21 1'
#
loop_
_entity.id
_entity.type
_entity.pdbx_description
1 polymer 'Thioredoxin glutathione reductase'
2 non-polymer 'FLAVIN-ADENINE DINUCLEOTIDE'
3 non-polymer N-(4-methoxyphenyl)glycinamide
4 water water
#
_entity_poly.entity_id   1
_entity_poly.type   'polypeptide(L)'
_entity_poly.pdbx_seq_one_letter_code
;GPPPADGTSQWLRKTVDSAAVILFSKTTCPYCKKVKDVLAEAKIKHATIELDQLSNGSAIQKCLASFSKIETVPQMFVRG
KFIGDSQTVLKYYSNDELAGIVNESKYDYDLIVIGGGSGGLAAGKEAAKYGAKTAVLDYVEPTPIGTTWGLGGTCVNVGC
IPKKLMHQAGLLSHALEDAEHFGWSLDRSKISHNWSTMVEGVQSHIGSLNWGYKVALRDNQVTYLNAKGRLISPHEVQIT
DKNQKVSTITGNKIILATGERPKYPEIPGAVEYGITSDDLFSLPYFPGKTLVIGASYVALECAGFLASLGGDVTVMVRSI
LLRGFDQQMAEKVGDYMENHGVKFAKLCVPDEIKQLKVVDTENNKPGLLLVKGHYTDGKKFEEEFETVIFAVGREPQLSK
VLCETVGVKLDKNGRVVCTDDEQTTVSNVYAIGDINAGKPQLTPVAIQAGRYLARRLFAGATELTDYSNVATTVFTPLEY
GACGLSEEDAIEKYGDKDIEVYHSNFKPLEWTVAHREDNVCYMKLVCRKSDNMRVLGLHVLGPNAGEITQGYAVAIKMGA
TKADFDRTIGIHPTCSETFTTLHVTKKSGVSPIVSGC
;
_entity_poly.pdbx_strand_id   A,B
#
# COMPACT_ATOMS: atom_id res chain seq x y z
N GLY A 7 8.30 -24.13 12.85
CA GLY A 7 7.98 -25.47 12.38
C GLY A 7 6.60 -25.52 11.77
N THR A 8 5.58 -25.45 12.63
CA THR A 8 4.21 -25.29 12.16
C THR A 8 3.97 -23.89 11.60
N SER A 9 4.69 -22.89 12.12
CA SER A 9 4.50 -21.50 11.70
C SER A 9 4.89 -21.28 10.23
N GLN A 10 5.89 -22.01 9.74
CA GLN A 10 6.32 -21.78 8.37
C GLN A 10 5.38 -22.43 7.36
N TRP A 11 4.66 -23.49 7.76
CA TRP A 11 3.61 -24.05 6.92
C TRP A 11 2.46 -23.08 6.75
N LEU A 12 2.01 -22.46 7.86
CA LEU A 12 0.83 -21.60 7.80
C LEU A 12 1.12 -20.34 6.99
N ARG A 13 2.32 -19.78 7.14
CA ARG A 13 2.66 -18.55 6.43
C ARG A 13 2.67 -18.78 4.92
N LYS A 14 3.07 -19.98 4.51
CA LYS A 14 3.11 -20.34 3.10
C LYS A 14 1.72 -20.73 2.58
N THR A 15 0.90 -21.36 3.42
CA THR A 15 -0.47 -21.67 2.99
C THR A 15 -1.31 -20.40 2.82
N VAL A 16 -1.22 -19.47 3.77
CA VAL A 16 -2.06 -18.28 3.67
C VAL A 16 -1.59 -17.38 2.51
N ASP A 17 -0.32 -17.47 2.12
CA ASP A 17 0.17 -16.59 1.05
C ASP A 17 -0.20 -17.08 -0.36
N SER A 18 -0.26 -18.40 -0.60
CA SER A 18 -0.60 -18.89 -1.93
C SER A 18 -2.09 -19.12 -2.14
N ALA A 19 -2.81 -19.56 -1.12
CA ALA A 19 -4.24 -19.85 -1.27
C ALA A 19 -4.98 -18.63 -1.82
N ALA A 20 -6.01 -18.91 -2.62
CA ALA A 20 -6.80 -17.86 -3.26
C ALA A 20 -7.96 -17.41 -2.37
N VAL A 21 -8.77 -18.36 -1.90
CA VAL A 21 -9.76 -18.14 -0.85
C VAL A 21 -9.73 -19.37 0.05
N ILE A 22 -9.47 -19.15 1.35
CA ILE A 22 -9.34 -20.24 2.31
C ILE A 22 -10.09 -19.88 3.59
N LEU A 23 -10.76 -20.87 4.17
CA LEU A 23 -11.46 -20.72 5.43
C LEU A 23 -10.78 -21.61 6.45
N PHE A 24 -10.55 -21.08 7.65
CA PHE A 24 -10.13 -21.89 8.78
C PHE A 24 -11.36 -22.12 9.64
N SER A 25 -11.61 -23.39 9.98
CA SER A 25 -12.92 -23.84 10.42
C SER A 25 -12.79 -24.90 11.51
N LYS A 26 -13.95 -25.31 12.02
CA LYS A 26 -14.08 -26.48 12.87
C LYS A 26 -15.41 -27.14 12.55
N THR A 27 -15.36 -28.44 12.21
CA THR A 27 -16.56 -29.19 11.88
C THR A 27 -17.67 -29.01 12.90
N THR A 28 -17.31 -28.70 14.14
CA THR A 28 -18.27 -28.51 15.22
C THR A 28 -18.97 -27.14 15.16
N CYS A 29 -18.23 -26.09 14.84
CA CYS A 29 -18.71 -24.73 15.07
C CYS A 29 -19.90 -24.38 14.19
N PRO A 30 -20.99 -23.83 14.76
CA PRO A 30 -22.10 -23.36 13.92
C PRO A 30 -21.87 -21.97 13.35
N TYR A 31 -20.91 -21.21 13.89
CA TYR A 31 -20.52 -19.97 13.21
C TYR A 31 -19.77 -20.28 11.92
N CYS A 32 -18.99 -21.35 11.93
CA CYS A 32 -18.33 -21.81 10.71
C CYS A 32 -19.37 -22.28 9.70
N LYS A 33 -20.39 -23.00 10.15
CA LYS A 33 -21.44 -23.46 9.24
C LYS A 33 -22.16 -22.28 8.60
N LYS A 34 -22.40 -21.22 9.37
CA LYS A 34 -23.08 -20.05 8.82
C LYS A 34 -22.28 -19.46 7.66
N VAL A 35 -20.98 -19.31 7.84
CA VAL A 35 -20.14 -18.71 6.79
C VAL A 35 -20.08 -19.64 5.57
N LYS A 36 -19.87 -20.93 5.81
CA LYS A 36 -19.86 -21.92 4.74
C LYS A 36 -21.10 -21.77 3.85
N ASP A 37 -22.28 -21.67 4.48
CA ASP A 37 -23.53 -21.57 3.73
C ASP A 37 -23.55 -20.33 2.83
N VAL A 38 -22.99 -19.21 3.30
CA VAL A 38 -22.99 -18.00 2.51
C VAL A 38 -22.03 -18.12 1.32
N LEU A 39 -20.89 -18.77 1.54
CA LEU A 39 -19.82 -18.76 0.54
C LEU A 39 -20.26 -19.42 -0.76
N ALA A 40 -21.00 -20.53 -0.71
CA ALA A 40 -21.45 -21.14 -1.96
C ALA A 40 -22.90 -20.83 -2.30
N GLU A 41 -23.60 -20.07 -1.46
CA GLU A 41 -24.78 -19.39 -1.97
C GLU A 41 -24.36 -18.37 -3.02
N ALA A 42 -23.23 -17.69 -2.80
CA ALA A 42 -22.66 -16.76 -3.78
C ALA A 42 -21.81 -17.45 -4.84
N LYS A 43 -21.71 -18.79 -4.80
CA LYS A 43 -20.87 -19.56 -5.71
C LYS A 43 -19.42 -19.09 -5.68
N ILE A 44 -18.85 -19.04 -4.48
CA ILE A 44 -17.44 -18.74 -4.25
C ILE A 44 -16.77 -20.04 -3.82
N LYS A 45 -15.94 -20.59 -4.69
CA LYS A 45 -15.19 -21.79 -4.37
C LYS A 45 -14.04 -21.43 -3.42
N HIS A 46 -13.73 -22.37 -2.52
CA HIS A 46 -12.68 -22.11 -1.54
C HIS A 46 -12.19 -23.41 -0.91
N ALA A 47 -10.96 -23.35 -0.42
CA ALA A 47 -10.44 -24.40 0.45
C ALA A 47 -10.95 -24.19 1.87
N THR A 48 -11.06 -25.30 2.61
CA THR A 48 -11.45 -25.32 4.01
C THR A 48 -10.45 -26.20 4.76
N ILE A 49 -10.06 -25.77 5.95
CA ILE A 49 -9.15 -26.57 6.78
C ILE A 49 -9.83 -26.76 8.13
N GLU A 50 -10.27 -27.98 8.41
CA GLU A 50 -11.02 -28.30 9.63
C GLU A 50 -10.04 -28.54 10.77
N LEU A 51 -9.87 -27.53 11.64
CA LEU A 51 -8.77 -27.54 12.60
C LEU A 51 -8.88 -28.65 13.62
N ASP A 52 -10.10 -29.12 13.91
CA ASP A 52 -10.29 -30.20 14.87
C ASP A 52 -10.04 -31.59 14.29
N GLN A 53 -9.60 -31.70 13.03
CA GLN A 53 -9.11 -32.96 12.46
C GLN A 53 -7.61 -32.98 12.23
N LEU A 54 -6.88 -31.92 12.56
CA LEU A 54 -5.43 -31.92 12.48
C LEU A 54 -4.87 -32.10 13.88
N SER A 55 -3.87 -32.98 14.02
CA SER A 55 -3.32 -33.29 15.34
C SER A 55 -2.78 -32.05 16.03
N ASN A 56 -2.29 -31.07 15.28
CA ASN A 56 -1.81 -29.81 15.84
C ASN A 56 -2.75 -28.65 15.51
N GLY A 57 -4.06 -28.92 15.51
CA GLY A 57 -5.01 -27.84 15.29
C GLY A 57 -4.98 -26.79 16.38
N SER A 58 -4.64 -27.20 17.61
CA SER A 58 -4.47 -26.24 18.68
C SER A 58 -3.32 -25.28 18.35
N ALA A 59 -2.14 -25.82 18.05
CA ALA A 59 -0.96 -24.99 17.80
C ALA A 59 -1.16 -24.07 16.60
N ILE A 60 -1.86 -24.54 15.56
CA ILE A 60 -2.09 -23.72 14.38
C ILE A 60 -3.00 -22.54 14.70
N GLN A 61 -4.09 -22.79 15.43
CA GLN A 61 -5.02 -21.72 15.77
C GLN A 61 -4.30 -20.57 16.47
N LYS A 62 -3.35 -20.89 17.36
CA LYS A 62 -2.57 -19.85 18.02
C LYS A 62 -1.66 -19.13 17.05
N CYS A 63 -1.13 -19.83 16.04
CA CYS A 63 -0.26 -19.19 15.07
C CYS A 63 -1.03 -18.21 14.17
N LEU A 64 -2.31 -18.49 13.88
CA LEU A 64 -3.10 -17.64 13.00
C LEU A 64 -3.17 -16.21 13.48
N ALA A 65 -3.15 -16.01 14.80
CA ALA A 65 -3.34 -14.65 15.33
C ALA A 65 -2.24 -13.72 14.86
N SER A 66 -1.04 -14.26 14.62
CA SER A 66 0.05 -13.46 14.04
C SER A 66 -0.38 -12.80 12.74
N PHE A 67 -1.35 -13.39 12.03
CA PHE A 67 -1.85 -12.81 10.79
C PHE A 67 -3.08 -11.96 11.01
N SER A 68 -3.97 -12.39 11.94
CA SER A 68 -5.33 -11.89 12.04
C SER A 68 -5.62 -11.05 13.27
N LYS A 69 -4.77 -11.13 14.29
CA LYS A 69 -4.94 -10.52 15.61
C LYS A 69 -6.06 -11.19 16.41
N ILE A 70 -6.71 -12.24 15.90
CA ILE A 70 -7.72 -12.98 16.65
C ILE A 70 -7.36 -14.47 16.66
N GLU A 71 -8.02 -15.22 17.56
CA GLU A 71 -7.69 -16.60 17.82
C GLU A 71 -8.79 -17.59 17.44
N THR A 72 -10.00 -17.13 17.18
CA THR A 72 -11.17 -17.98 17.05
C THR A 72 -11.37 -18.46 15.61
N VAL A 73 -12.34 -19.35 15.40
CA VAL A 73 -12.82 -19.70 14.06
C VAL A 73 -14.23 -19.15 13.89
N PRO A 74 -14.69 -18.86 12.65
CA PRO A 74 -14.02 -19.04 11.36
C PRO A 74 -13.07 -17.89 11.03
N GLN A 75 -12.01 -18.17 10.27
CA GLN A 75 -11.15 -17.13 9.74
C GLN A 75 -11.04 -17.33 8.23
N MET A 76 -11.27 -16.26 7.46
CA MET A 76 -11.27 -16.33 6.01
C MET A 76 -10.25 -15.35 5.45
N PHE A 77 -9.43 -15.84 4.52
CA PHE A 77 -8.39 -15.08 3.87
C PHE A 77 -8.63 -15.11 2.38
N VAL A 78 -8.10 -14.11 1.69
CA VAL A 78 -8.18 -14.03 0.23
C VAL A 78 -6.83 -13.53 -0.27
N ARG A 79 -6.07 -14.42 -0.90
CA ARG A 79 -4.76 -14.09 -1.49
C ARG A 79 -3.83 -13.46 -0.45
N GLY A 80 -3.81 -14.05 0.75
CA GLY A 80 -2.88 -13.63 1.77
C GLY A 80 -3.37 -12.55 2.72
N LYS A 81 -4.46 -11.85 2.39
CA LYS A 81 -5.02 -10.83 3.27
C LYS A 81 -6.17 -11.40 4.08
N PHE A 82 -6.19 -11.06 5.38
CA PHE A 82 -7.28 -11.46 6.27
C PHE A 82 -8.54 -10.68 5.94
N ILE A 83 -9.64 -11.38 5.74
CA ILE A 83 -10.89 -10.71 5.38
C ILE A 83 -11.73 -10.41 6.61
N GLY A 84 -11.97 -11.39 7.46
CA GLY A 84 -12.69 -11.12 8.69
C GLY A 84 -13.06 -12.39 9.42
N ASP A 85 -13.65 -12.18 10.60
CA ASP A 85 -14.26 -13.25 11.39
C ASP A 85 -15.66 -13.51 10.87
N SER A 86 -16.45 -14.24 11.66
CA SER A 86 -17.82 -14.56 11.28
C SER A 86 -18.62 -13.30 10.94
N GLN A 87 -18.66 -12.34 11.88
CA GLN A 87 -19.53 -11.17 11.75
C GLN A 87 -19.06 -10.24 10.63
N THR A 88 -17.75 -10.10 10.42
CA THR A 88 -17.27 -9.21 9.38
C THR A 88 -17.63 -9.69 7.98
N VAL A 89 -17.53 -11.00 7.72
CA VAL A 89 -17.90 -11.50 6.40
C VAL A 89 -19.40 -11.35 6.17
N LEU A 90 -20.21 -11.61 7.20
CA LEU A 90 -21.66 -11.49 7.04
C LEU A 90 -22.08 -10.05 6.74
N LYS A 91 -21.45 -9.08 7.40
CA LYS A 91 -21.62 -7.67 7.02
C LYS A 91 -21.34 -7.45 5.54
N TYR A 92 -20.19 -7.94 5.06
CA TYR A 92 -19.85 -7.78 3.65
C TYR A 92 -20.89 -8.42 2.73
N TYR A 93 -21.53 -9.50 3.18
CA TYR A 93 -22.53 -10.16 2.33
C TYR A 93 -23.72 -9.26 2.09
N SER A 94 -24.45 -8.91 3.15
CA SER A 94 -25.69 -8.15 2.97
C SER A 94 -25.45 -6.81 2.29
N ASN A 95 -24.19 -6.34 2.27
CA ASN A 95 -23.83 -5.06 1.65
C ASN A 95 -23.38 -5.20 0.21
N ASP A 96 -23.43 -6.41 -0.37
CA ASP A 96 -22.99 -6.67 -1.74
C ASP A 96 -21.49 -6.42 -1.94
N GLU A 97 -20.71 -6.40 -0.86
CA GLU A 97 -19.29 -6.12 -0.97
C GLU A 97 -18.43 -7.37 -1.15
N LEU A 98 -18.97 -8.55 -0.79
CA LEU A 98 -18.15 -9.76 -0.73
C LEU A 98 -17.73 -10.25 -2.11
N ALA A 99 -18.57 -10.03 -3.13
CA ALA A 99 -18.21 -10.48 -4.48
C ALA A 99 -16.95 -9.77 -4.97
N GLY A 100 -16.79 -8.50 -4.61
CA GLY A 100 -15.62 -7.75 -5.05
C GLY A 100 -14.39 -7.93 -4.19
N ILE A 101 -14.55 -8.43 -2.96
CA ILE A 101 -13.38 -8.79 -2.17
C ILE A 101 -12.66 -9.98 -2.80
N VAL A 102 -13.42 -10.99 -3.23
CA VAL A 102 -12.81 -12.26 -3.60
C VAL A 102 -12.17 -12.20 -4.98
N ASN A 103 -12.55 -11.25 -5.81
CA ASN A 103 -11.90 -11.10 -7.11
C ASN A 103 -10.78 -10.06 -7.09
N GLU A 104 -10.42 -9.57 -5.90
CA GLU A 104 -9.25 -8.71 -5.75
C GLU A 104 -7.99 -9.53 -6.02
N SER A 105 -7.23 -9.13 -7.03
CA SER A 105 -5.95 -9.79 -7.26
C SER A 105 -4.96 -8.83 -7.90
N LYS A 106 -3.68 -9.07 -7.61
CA LYS A 106 -2.58 -8.39 -8.30
C LYS A 106 -2.41 -8.89 -9.72
N TYR A 107 -2.88 -10.10 -10.02
CA TYR A 107 -2.67 -10.72 -11.31
C TYR A 107 -4.01 -11.05 -11.96
N ASP A 108 -3.95 -11.32 -13.27
CA ASP A 108 -5.12 -11.77 -14.01
C ASP A 108 -5.61 -13.13 -13.52
N TYR A 109 -4.67 -14.03 -13.18
CA TYR A 109 -5.02 -15.39 -12.78
C TYR A 109 -4.24 -15.82 -11.56
N ASP A 110 -4.89 -16.58 -10.68
CA ASP A 110 -4.17 -17.22 -9.59
C ASP A 110 -3.16 -18.23 -10.12
N LEU A 111 -3.43 -18.82 -11.30
CA LEU A 111 -2.61 -19.90 -11.87
C LEU A 111 -2.69 -19.85 -13.38
N ILE A 112 -1.58 -20.16 -14.03
CA ILE A 112 -1.54 -20.33 -15.47
C ILE A 112 -0.79 -21.62 -15.76
N VAL A 113 -1.43 -22.53 -16.51
CA VAL A 113 -0.81 -23.77 -16.92
C VAL A 113 -0.44 -23.66 -18.40
N ILE A 114 0.83 -23.80 -18.73
CA ILE A 114 1.24 -23.87 -20.12
C ILE A 114 1.33 -25.34 -20.50
N GLY A 115 0.39 -25.80 -21.32
CA GLY A 115 0.38 -27.19 -21.72
C GLY A 115 -0.92 -27.88 -21.35
N GLY A 116 -1.67 -28.31 -22.36
CA GLY A 116 -2.97 -28.89 -22.12
C GLY A 116 -3.07 -30.40 -22.30
N GLY A 117 -2.12 -31.15 -21.72
CA GLY A 117 -2.13 -32.60 -21.78
C GLY A 117 -2.40 -33.29 -20.45
N SER A 118 -1.79 -34.46 -20.27
CA SER A 118 -2.11 -35.29 -19.12
C SER A 118 -1.91 -34.53 -17.81
N GLY A 119 -0.73 -33.92 -17.64
CA GLY A 119 -0.44 -33.24 -16.38
C GLY A 119 -1.07 -31.87 -16.29
N GLY A 120 -1.16 -31.16 -17.42
CA GLY A 120 -1.63 -29.80 -17.38
C GLY A 120 -3.12 -29.69 -17.11
N LEU A 121 -3.92 -30.54 -17.76
CA LEU A 121 -5.35 -30.54 -17.47
C LEU A 121 -5.63 -30.95 -16.03
N ALA A 122 -4.81 -31.84 -15.48
CA ALA A 122 -5.04 -32.38 -14.16
C ALA A 122 -4.81 -31.32 -13.08
N ALA A 123 -3.69 -30.59 -13.18
CA ALA A 123 -3.48 -29.46 -12.29
C ALA A 123 -4.63 -28.45 -12.39
N GLY A 124 -5.00 -28.10 -13.61
CA GLY A 124 -5.93 -27.00 -13.80
C GLY A 124 -7.30 -27.25 -13.19
N LYS A 125 -7.86 -28.45 -13.39
CA LYS A 125 -9.17 -28.76 -12.82
C LYS A 125 -9.11 -28.73 -11.30
N GLU A 126 -8.09 -29.39 -10.73
CA GLU A 126 -7.97 -29.47 -9.28
C GLU A 126 -7.79 -28.09 -8.65
N ALA A 127 -6.96 -27.23 -9.24
CA ALA A 127 -6.75 -25.90 -8.67
C ALA A 127 -8.03 -25.08 -8.67
N ALA A 128 -8.82 -25.19 -9.74
CA ALA A 128 -10.07 -24.46 -9.84
C ALA A 128 -11.06 -24.88 -8.75
N LYS A 129 -10.87 -26.06 -8.15
CA LYS A 129 -11.79 -26.58 -7.15
C LYS A 129 -11.73 -25.83 -5.83
N TYR A 130 -10.64 -25.11 -5.54
CA TYR A 130 -10.50 -24.38 -4.29
C TYR A 130 -10.50 -22.87 -4.51
N GLY A 131 -11.11 -22.43 -5.60
CA GLY A 131 -11.30 -21.02 -5.84
C GLY A 131 -10.28 -20.35 -6.74
N ALA A 132 -9.30 -21.07 -7.24
CA ALA A 132 -8.20 -20.44 -7.94
C ALA A 132 -8.63 -20.08 -9.37
N LYS A 133 -8.48 -18.81 -9.73
CA LYS A 133 -8.80 -18.37 -11.09
C LYS A 133 -7.73 -18.90 -12.03
N THR A 134 -8.12 -19.77 -12.96
CA THR A 134 -7.17 -20.61 -13.68
C THR A 134 -7.36 -20.50 -15.19
N ALA A 135 -6.24 -20.50 -15.91
CA ALA A 135 -6.22 -20.55 -17.36
C ALA A 135 -5.31 -21.70 -17.80
N VAL A 136 -5.78 -22.50 -18.75
CA VAL A 136 -4.99 -23.58 -19.33
C VAL A 136 -4.72 -23.25 -20.79
N LEU A 137 -3.45 -23.33 -21.18
CA LEU A 137 -3.01 -22.99 -22.52
C LEU A 137 -2.66 -24.29 -23.24
N ASP A 138 -3.20 -24.48 -24.45
CA ASP A 138 -2.79 -25.62 -25.26
C ASP A 138 -2.71 -25.29 -26.74
N TYR A 139 -1.61 -25.69 -27.37
CA TYR A 139 -1.40 -25.49 -28.80
C TYR A 139 -0.61 -26.68 -29.33
N VAL A 140 -0.98 -27.11 -30.53
CA VAL A 140 -0.43 -28.32 -31.13
C VAL A 140 0.28 -27.94 -32.41
N GLU A 141 1.60 -27.80 -32.33
CA GLU A 141 2.37 -27.49 -33.53
C GLU A 141 2.19 -28.62 -34.55
N PRO A 142 1.96 -28.29 -35.81
CA PRO A 142 1.84 -29.35 -36.83
C PRO A 142 3.13 -30.14 -36.99
N THR A 143 2.98 -31.39 -37.40
CA THR A 143 4.11 -32.21 -37.78
C THR A 143 4.58 -31.77 -39.17
N PRO A 144 5.73 -32.27 -39.65
CA PRO A 144 6.19 -31.87 -40.98
C PRO A 144 5.18 -32.00 -42.12
N ILE A 145 4.34 -33.05 -42.12
CA ILE A 145 3.29 -33.16 -43.14
C ILE A 145 2.03 -32.39 -42.77
N GLY A 146 2.03 -31.67 -41.65
CA GLY A 146 0.90 -30.87 -41.24
C GLY A 146 -0.11 -31.54 -40.31
N THR A 147 0.12 -32.78 -39.87
CA THR A 147 -0.81 -33.44 -38.96
C THR A 147 -1.02 -32.62 -37.69
N THR A 148 -2.27 -32.52 -37.26
CA THR A 148 -2.60 -31.77 -36.05
C THR A 148 -3.82 -32.42 -35.40
N TRP A 149 -4.08 -32.09 -34.12
CA TRP A 149 -5.15 -32.72 -33.33
C TRP A 149 -5.63 -31.76 -32.23
N GLY A 150 -6.46 -32.30 -31.31
CA GLY A 150 -7.20 -31.50 -30.35
C GLY A 150 -6.72 -31.58 -28.90
N LEU A 151 -7.51 -30.97 -28.02
CA LEU A 151 -7.13 -30.82 -26.62
C LEU A 151 -7.04 -32.17 -25.92
N GLY A 152 -5.96 -32.36 -25.16
CA GLY A 152 -5.85 -33.55 -24.33
C GLY A 152 -4.45 -34.09 -24.19
N GLY A 153 -3.54 -33.68 -25.06
CA GLY A 153 -2.12 -34.04 -24.97
C GLY A 153 -1.75 -35.22 -25.84
N THR A 154 -0.58 -35.81 -25.51
CA THR A 154 0.04 -36.83 -26.35
C THR A 154 -0.59 -38.21 -26.14
N CYS A 155 -0.88 -38.56 -24.89
CA CYS A 155 -1.45 -39.86 -24.61
C CYS A 155 -2.80 -40.02 -25.29
N VAL A 156 -3.69 -39.05 -25.06
CA VAL A 156 -5.05 -39.04 -25.60
C VAL A 156 -5.06 -39.09 -27.14
N ASN A 157 -4.19 -38.28 -27.79
CA ASN A 157 -4.24 -38.05 -29.23
C ASN A 157 -3.28 -38.90 -30.05
N VAL A 158 -2.03 -39.14 -29.58
CA VAL A 158 -1.05 -39.87 -30.39
C VAL A 158 -0.15 -40.75 -29.52
N GLY A 159 -0.71 -41.38 -28.48
CA GLY A 159 0.06 -42.16 -27.52
C GLY A 159 -0.74 -43.30 -26.88
N CYS A 160 -0.78 -43.39 -25.53
CA CYS A 160 -1.40 -44.56 -24.88
C CYS A 160 -2.75 -44.95 -25.50
N ILE A 161 -3.66 -43.99 -25.63
CA ILE A 161 -5.04 -44.26 -26.03
C ILE A 161 -5.09 -44.86 -27.44
N PRO A 162 -4.69 -44.16 -28.52
CA PRO A 162 -4.86 -44.79 -29.84
C PRO A 162 -4.03 -46.05 -30.01
N LYS A 163 -2.83 -46.09 -29.44
CA LYS A 163 -1.96 -47.24 -29.75
C LYS A 163 -2.43 -48.50 -29.05
N LYS A 164 -3.06 -48.38 -27.86
CA LYS A 164 -3.62 -49.57 -27.23
C LYS A 164 -4.88 -50.06 -27.94
N LEU A 165 -5.64 -49.15 -28.57
CA LEU A 165 -6.83 -49.58 -29.33
C LEU A 165 -6.40 -50.40 -30.53
N MET A 166 -5.29 -49.99 -31.15
CA MET A 166 -4.70 -50.70 -32.28
C MET A 166 -4.07 -52.02 -31.86
N HIS A 167 -3.50 -52.06 -30.65
CA HIS A 167 -3.03 -53.32 -30.10
C HIS A 167 -4.20 -54.27 -29.94
N GLN A 168 -5.31 -53.79 -29.41
CA GLN A 168 -6.51 -54.62 -29.27
C GLN A 168 -6.95 -55.16 -30.62
N ALA A 169 -6.78 -54.37 -31.67
CA ALA A 169 -7.11 -54.88 -33.01
C ALA A 169 -6.15 -55.98 -33.42
N GLY A 170 -4.86 -55.83 -33.08
CA GLY A 170 -3.90 -56.89 -33.34
C GLY A 170 -4.24 -58.17 -32.59
N LEU A 171 -4.64 -58.04 -31.33
CA LEU A 171 -4.93 -59.21 -30.51
C LEU A 171 -6.14 -59.99 -31.02
N LEU A 172 -7.21 -59.29 -31.42
CA LEU A 172 -8.37 -59.95 -31.99
C LEU A 172 -8.02 -60.92 -33.12
N SER A 173 -6.91 -60.67 -33.82
CA SER A 173 -6.51 -61.60 -34.88
C SER A 173 -6.28 -63.00 -34.34
N HIS A 174 -5.50 -63.12 -33.26
CA HIS A 174 -5.28 -64.41 -32.61
C HIS A 174 -6.53 -64.94 -31.93
N ALA A 175 -7.46 -64.06 -31.54
CA ALA A 175 -8.74 -64.51 -31.02
C ALA A 175 -9.56 -65.20 -32.10
N LEU A 176 -9.48 -64.69 -33.34
CA LEU A 176 -10.13 -65.33 -34.48
C LEU A 176 -9.56 -66.72 -34.73
N GLU A 177 -8.22 -66.84 -34.80
CA GLU A 177 -7.59 -68.14 -34.91
C GLU A 177 -8.02 -69.09 -33.77
N ASP A 178 -8.03 -68.60 -32.54
CA ASP A 178 -8.34 -69.46 -31.41
C ASP A 178 -9.76 -70.00 -31.48
N ALA A 179 -10.68 -69.30 -32.15
CA ALA A 179 -12.10 -69.64 -32.07
C ALA A 179 -12.41 -71.00 -32.70
N GLU A 180 -11.75 -71.31 -33.81
CA GLU A 180 -11.96 -72.62 -34.45
C GLU A 180 -11.69 -73.75 -33.48
N HIS A 181 -10.53 -73.69 -32.81
CA HIS A 181 -10.13 -74.72 -31.85
C HIS A 181 -11.12 -74.88 -30.70
N PHE A 182 -11.88 -73.83 -30.38
CA PHE A 182 -12.85 -73.92 -29.30
C PHE A 182 -14.26 -74.24 -29.79
N GLY A 183 -14.46 -74.41 -31.08
CA GLY A 183 -15.75 -74.89 -31.59
C GLY A 183 -16.44 -74.00 -32.60
N TRP A 184 -15.94 -72.80 -32.91
CA TRP A 184 -16.67 -71.90 -33.80
C TRP A 184 -16.36 -72.20 -35.26
N SER A 185 -17.30 -71.83 -36.14
CA SER A 185 -17.36 -72.32 -37.52
C SER A 185 -16.61 -71.46 -38.53
N LEU A 186 -15.94 -70.39 -38.11
CA LEU A 186 -15.30 -69.47 -39.04
C LEU A 186 -14.02 -70.06 -39.63
N ASP A 187 -13.50 -69.38 -40.65
CA ASP A 187 -12.22 -69.72 -41.27
C ASP A 187 -11.35 -68.47 -41.33
N ARG A 188 -10.28 -68.44 -40.53
CA ARG A 188 -9.45 -67.25 -40.36
C ARG A 188 -8.76 -66.83 -41.66
N SER A 189 -8.43 -67.80 -42.53
CA SER A 189 -7.70 -67.47 -43.76
C SER A 189 -8.54 -66.63 -44.72
N LYS A 190 -9.86 -66.70 -44.64
CA LYS A 190 -10.72 -65.91 -45.53
C LYS A 190 -11.12 -64.56 -44.93
N ILE A 191 -10.36 -64.06 -43.94
CA ILE A 191 -10.69 -62.84 -43.21
C ILE A 191 -9.51 -61.88 -43.35
N SER A 192 -9.82 -60.63 -43.67
CA SER A 192 -8.78 -59.62 -43.77
C SER A 192 -9.22 -58.40 -42.97
N HIS A 193 -8.31 -57.41 -42.88
CA HIS A 193 -8.50 -56.23 -42.07
C HIS A 193 -8.62 -54.98 -42.94
N ASN A 194 -9.45 -54.03 -42.50
CA ASN A 194 -9.68 -52.75 -43.17
C ASN A 194 -9.08 -51.64 -42.31
N TRP A 195 -7.92 -51.11 -42.72
CA TRP A 195 -7.23 -50.10 -41.91
C TRP A 195 -8.12 -48.88 -41.66
N SER A 196 -8.78 -48.38 -42.70
CA SER A 196 -9.49 -47.11 -42.55
C SER A 196 -10.73 -47.25 -41.66
N THR A 197 -11.40 -48.40 -41.71
CA THR A 197 -12.48 -48.63 -40.77
C THR A 197 -11.96 -48.52 -39.35
N MET A 198 -10.82 -49.16 -39.07
CA MET A 198 -10.24 -49.11 -37.74
C MET A 198 -9.93 -47.67 -37.31
N VAL A 199 -9.19 -46.91 -38.15
CA VAL A 199 -8.78 -45.54 -37.83
C VAL A 199 -10.00 -44.66 -37.57
N GLU A 200 -11.07 -44.87 -38.33
CA GLU A 200 -12.27 -44.08 -38.10
C GLU A 200 -12.81 -44.32 -36.70
N GLY A 201 -12.81 -45.58 -36.25
CA GLY A 201 -13.30 -45.86 -34.92
C GLY A 201 -12.41 -45.29 -33.83
N VAL A 202 -11.09 -45.46 -33.97
CA VAL A 202 -10.16 -44.85 -33.02
C VAL A 202 -10.36 -43.34 -33.00
N GLN A 203 -10.45 -42.72 -34.18
CA GLN A 203 -10.51 -41.26 -34.23
C GLN A 203 -11.83 -40.75 -33.66
N SER A 204 -12.91 -41.53 -33.78
CA SER A 204 -14.17 -41.13 -33.17
C SER A 204 -14.06 -41.09 -31.65
N HIS A 205 -13.43 -42.10 -31.04
CA HIS A 205 -13.23 -42.07 -29.59
C HIS A 205 -12.38 -40.87 -29.19
N ILE A 206 -11.28 -40.63 -29.91
CA ILE A 206 -10.39 -39.51 -29.56
C ILE A 206 -11.16 -38.20 -29.60
N GLY A 207 -12.04 -38.05 -30.61
CA GLY A 207 -12.86 -36.86 -30.69
C GLY A 207 -13.78 -36.69 -29.49
N SER A 208 -14.32 -37.79 -28.98
CA SER A 208 -15.17 -37.66 -27.80
C SER A 208 -14.32 -37.35 -26.55
N LEU A 209 -13.02 -37.69 -26.56
CA LEU A 209 -12.18 -37.25 -25.45
C LEU A 209 -11.87 -35.75 -25.55
N ASN A 210 -11.56 -35.25 -26.75
CA ASN A 210 -11.31 -33.83 -26.90
C ASN A 210 -12.50 -33.03 -26.38
N TRP A 211 -13.71 -33.46 -26.75
CA TRP A 211 -14.90 -32.72 -26.35
C TRP A 211 -15.13 -32.82 -24.84
N GLY A 212 -14.88 -33.99 -24.26
CA GLY A 212 -15.08 -34.14 -22.82
C GLY A 212 -14.16 -33.26 -21.99
N TYR A 213 -12.91 -33.11 -22.44
CA TYR A 213 -11.98 -32.24 -21.73
C TYR A 213 -12.39 -30.77 -21.84
N LYS A 214 -12.85 -30.35 -23.02
CA LYS A 214 -13.37 -28.99 -23.13
C LYS A 214 -14.58 -28.76 -22.21
N VAL A 215 -15.50 -29.73 -22.16
CA VAL A 215 -16.68 -29.60 -21.29
C VAL A 215 -16.27 -29.58 -19.82
N ALA A 216 -15.32 -30.45 -19.44
CA ALA A 216 -14.82 -30.48 -18.07
C ALA A 216 -14.21 -29.14 -17.66
N LEU A 217 -13.47 -28.48 -18.56
CA LEU A 217 -12.85 -27.21 -18.18
C LEU A 217 -13.92 -26.15 -17.99
N ARG A 218 -14.89 -26.11 -18.90
CA ARG A 218 -16.01 -25.17 -18.79
C ARG A 218 -16.74 -25.33 -17.47
N ASP A 219 -17.03 -26.57 -17.07
CA ASP A 219 -17.84 -26.78 -15.87
C ASP A 219 -17.09 -26.44 -14.58
N ASN A 220 -15.75 -26.42 -14.61
CA ASN A 220 -14.94 -26.00 -13.47
C ASN A 220 -14.58 -24.50 -13.51
N GLN A 221 -15.14 -23.73 -14.44
CA GLN A 221 -14.89 -22.29 -14.56
C GLN A 221 -13.41 -21.99 -14.88
N VAL A 222 -12.82 -22.77 -15.78
CA VAL A 222 -11.43 -22.64 -16.21
C VAL A 222 -11.42 -22.03 -17.60
N THR A 223 -10.55 -21.03 -17.82
CA THR A 223 -10.36 -20.44 -19.14
C THR A 223 -9.47 -21.32 -20.01
N TYR A 224 -10.00 -21.77 -21.14
CA TYR A 224 -9.23 -22.52 -22.11
C TYR A 224 -8.95 -21.60 -23.28
N LEU A 225 -7.69 -21.23 -23.45
CA LEU A 225 -7.19 -20.49 -24.61
C LEU A 225 -6.42 -21.46 -25.50
N ASN A 226 -6.93 -21.71 -26.70
CA ASN A 226 -6.19 -22.47 -27.70
C ASN A 226 -5.15 -21.54 -28.31
N ALA A 227 -4.04 -21.37 -27.59
CA ALA A 227 -2.95 -20.52 -28.05
C ALA A 227 -1.63 -21.02 -27.47
N LYS A 228 -0.54 -20.50 -28.03
CA LYS A 228 0.81 -20.92 -27.70
C LYS A 228 1.40 -19.93 -26.71
N GLY A 229 1.88 -20.43 -25.59
CA GLY A 229 2.34 -19.58 -24.51
C GLY A 229 3.86 -19.53 -24.41
N ARG A 230 4.35 -18.42 -23.89
CA ARG A 230 5.79 -18.24 -23.72
C ARG A 230 6.01 -17.41 -22.47
N LEU A 231 6.77 -17.96 -21.52
CA LEU A 231 7.01 -17.26 -20.26
C LEU A 231 8.15 -16.25 -20.45
N ILE A 232 7.84 -14.96 -20.35
CA ILE A 232 8.85 -13.93 -20.58
C ILE A 232 9.42 -13.34 -19.29
N SER A 233 8.67 -13.39 -18.20
CA SER A 233 9.14 -13.02 -16.87
C SER A 233 8.41 -13.91 -15.88
N PRO A 234 8.80 -13.88 -14.61
CA PRO A 234 8.21 -14.84 -13.65
C PRO A 234 6.69 -14.85 -13.65
N HIS A 235 6.05 -13.72 -13.92
CA HIS A 235 4.62 -13.62 -13.83
C HIS A 235 3.96 -13.26 -15.15
N GLU A 236 4.73 -13.14 -16.22
CA GLU A 236 4.22 -12.69 -17.50
C GLU A 236 4.28 -13.83 -18.52
N VAL A 237 3.15 -14.12 -19.14
CA VAL A 237 3.05 -15.15 -20.15
C VAL A 237 2.61 -14.49 -21.44
N GLN A 238 3.43 -14.63 -22.48
CA GLN A 238 3.10 -14.10 -23.80
C GLN A 238 2.36 -15.19 -24.57
N ILE A 239 1.21 -14.83 -25.13
CA ILE A 239 0.35 -15.78 -25.82
C ILE A 239 0.14 -15.29 -27.25
N THR A 240 0.13 -16.25 -28.19
CA THR A 240 -0.10 -15.99 -29.61
C THR A 240 -1.28 -16.85 -30.05
N ASP A 241 -2.35 -16.23 -30.55
CA ASP A 241 -3.58 -16.93 -30.86
C ASP A 241 -3.62 -17.35 -32.34
N LYS A 242 -4.70 -18.03 -32.72
CA LYS A 242 -4.80 -18.66 -34.04
C LYS A 242 -4.79 -17.66 -35.18
N ASN A 243 -4.95 -16.36 -34.91
CA ASN A 243 -4.84 -15.31 -35.90
C ASN A 243 -3.50 -14.60 -35.83
N GLN A 244 -2.56 -15.14 -35.05
CA GLN A 244 -1.25 -14.55 -34.78
C GLN A 244 -1.34 -13.22 -34.05
N LYS A 245 -2.42 -13.00 -33.31
CA LYS A 245 -2.51 -11.85 -32.42
C LYS A 245 -1.75 -12.13 -31.14
N VAL A 246 -0.94 -11.16 -30.69
CA VAL A 246 -0.11 -11.32 -29.51
C VAL A 246 -0.64 -10.44 -28.39
N SER A 247 -0.64 -11.00 -27.18
CA SER A 247 -0.97 -10.27 -25.96
C SER A 247 -0.24 -10.92 -24.79
N THR A 248 -0.46 -10.37 -23.59
CA THR A 248 0.22 -10.82 -22.37
C THR A 248 -0.78 -10.94 -21.24
N ILE A 249 -0.71 -12.05 -20.51
CA ILE A 249 -1.52 -12.28 -19.32
C ILE A 249 -0.57 -12.54 -18.14
N THR A 250 -1.05 -12.22 -16.94
CA THR A 250 -0.28 -12.39 -15.72
C THR A 250 -0.93 -13.42 -14.80
N GLY A 251 -0.10 -14.22 -14.16
CA GLY A 251 -0.59 -15.15 -13.15
C GLY A 251 0.34 -15.16 -11.96
N ASN A 252 -0.23 -15.49 -10.80
CA ASN A 252 0.58 -15.61 -9.59
C ASN A 252 1.52 -16.81 -9.68
N LYS A 253 0.97 -18.02 -9.78
CA LYS A 253 1.70 -19.26 -9.93
C LYS A 253 1.74 -19.69 -11.40
N ILE A 254 2.82 -20.34 -11.78
CA ILE A 254 3.02 -20.82 -13.14
C ILE A 254 3.39 -22.29 -13.07
N ILE A 255 2.72 -23.11 -13.87
CA ILE A 255 3.04 -24.53 -14.04
C ILE A 255 3.37 -24.77 -15.51
N LEU A 256 4.57 -25.27 -15.78
CA LEU A 256 4.94 -25.67 -17.12
C LEU A 256 4.65 -27.15 -17.33
N ALA A 257 3.89 -27.47 -18.37
CA ALA A 257 3.51 -28.86 -18.64
C ALA A 257 3.34 -29.09 -20.14
N THR A 258 4.42 -28.85 -20.90
CA THR A 258 4.36 -28.80 -22.36
C THR A 258 4.84 -30.09 -23.04
N GLY A 259 5.19 -31.13 -22.30
CA GLY A 259 5.55 -32.38 -22.97
C GLY A 259 6.72 -32.35 -23.98
N GLU A 260 6.74 -33.39 -24.82
CA GLU A 260 7.83 -33.69 -25.74
C GLU A 260 7.27 -33.98 -27.12
N ARG A 261 8.17 -34.14 -28.09
CA ARG A 261 7.77 -34.48 -29.45
C ARG A 261 8.81 -35.42 -30.05
N PRO A 262 8.43 -36.18 -31.08
CA PRO A 262 9.39 -37.13 -31.69
C PRO A 262 10.63 -36.47 -32.28
N LYS A 263 11.75 -37.17 -32.15
CA LYS A 263 13.00 -36.81 -32.80
C LYS A 263 13.09 -37.42 -34.19
N TYR A 264 13.89 -36.79 -35.05
CA TYR A 264 14.32 -37.31 -36.36
C TYR A 264 15.83 -37.47 -36.40
N PRO A 265 16.34 -38.48 -37.11
CA PRO A 265 17.78 -38.57 -37.34
C PRO A 265 18.23 -37.60 -38.44
N GLU A 266 19.46 -37.10 -38.28
CA GLU A 266 19.99 -36.06 -39.19
C GLU A 266 20.59 -36.73 -40.44
N ILE A 267 19.70 -37.27 -41.27
CA ILE A 267 20.07 -37.93 -42.51
C ILE A 267 19.18 -37.38 -43.61
N PRO A 268 19.61 -37.47 -44.87
CA PRO A 268 18.82 -36.89 -45.97
C PRO A 268 17.58 -37.71 -46.25
N GLY A 269 16.43 -37.04 -46.31
CA GLY A 269 15.18 -37.70 -46.64
C GLY A 269 14.30 -38.07 -45.46
N ALA A 270 14.80 -37.93 -44.24
CA ALA A 270 14.03 -38.37 -43.07
C ALA A 270 12.81 -37.49 -42.84
N VAL A 271 13.00 -36.17 -42.84
CA VAL A 271 11.89 -35.25 -42.60
C VAL A 271 10.96 -35.22 -43.80
N GLU A 272 11.53 -35.30 -45.00
CA GLU A 272 10.76 -35.17 -46.23
C GLU A 272 9.85 -36.36 -46.43
N TYR A 273 10.38 -37.59 -46.25
CA TYR A 273 9.73 -38.82 -46.70
C TYR A 273 9.27 -39.78 -45.61
N GLY A 274 9.70 -39.59 -44.35
CA GLY A 274 9.29 -40.48 -43.27
C GLY A 274 8.14 -39.89 -42.45
N ILE A 275 7.63 -40.70 -41.51
CA ILE A 275 6.62 -40.25 -40.58
C ILE A 275 7.04 -40.63 -39.16
N THR A 276 6.28 -40.15 -38.17
CA THR A 276 6.45 -40.68 -36.82
C THR A 276 5.12 -41.19 -36.23
N SER A 277 5.13 -41.57 -34.95
CA SER A 277 3.88 -41.93 -34.29
C SER A 277 2.89 -40.76 -34.35
N ASP A 278 3.39 -39.52 -34.35
CA ASP A 278 2.52 -38.35 -34.45
C ASP A 278 1.60 -38.45 -35.66
N ASP A 279 2.07 -39.04 -36.76
CA ASP A 279 1.23 -39.21 -37.94
C ASP A 279 0.52 -40.57 -38.02
N LEU A 280 1.00 -41.60 -37.30
CA LEU A 280 0.56 -42.96 -37.58
C LEU A 280 -0.90 -43.15 -37.26
N PHE A 281 -1.39 -42.53 -36.18
CA PHE A 281 -2.71 -42.88 -35.63
C PHE A 281 -3.88 -42.19 -36.32
N SER A 282 -3.64 -41.36 -37.34
CA SER A 282 -4.71 -40.76 -38.13
C SER A 282 -4.49 -40.95 -39.62
N LEU A 283 -3.65 -41.91 -39.99
CA LEU A 283 -3.17 -42.03 -41.36
C LEU A 283 -4.27 -42.52 -42.29
N PRO A 284 -4.50 -41.87 -43.43
CA PRO A 284 -5.64 -42.26 -44.29
C PRO A 284 -5.42 -43.59 -45.01
N TYR A 285 -4.18 -44.04 -45.15
CA TYR A 285 -3.87 -45.23 -45.90
C TYR A 285 -3.11 -46.21 -45.02
N PHE A 286 -3.28 -47.50 -45.29
CA PHE A 286 -2.50 -48.52 -44.59
C PHE A 286 -1.03 -48.32 -44.91
N PRO A 287 -0.14 -48.30 -43.90
CA PRO A 287 1.29 -48.11 -44.18
C PRO A 287 1.85 -49.05 -45.24
N GLY A 288 1.51 -50.34 -45.19
CA GLY A 288 1.95 -51.28 -46.19
C GLY A 288 3.21 -51.96 -45.70
N LYS A 289 4.08 -52.41 -46.59
CA LYS A 289 5.41 -52.79 -46.19
C LYS A 289 6.07 -51.63 -45.46
N THR A 290 6.51 -51.88 -44.21
CA THR A 290 7.00 -50.82 -43.33
C THR A 290 8.38 -51.14 -42.74
N LEU A 291 9.27 -50.15 -42.76
CA LEU A 291 10.48 -50.15 -41.95
C LEU A 291 10.26 -49.28 -40.72
N VAL A 292 10.58 -49.82 -39.54
CA VAL A 292 10.54 -49.10 -38.27
C VAL A 292 11.97 -48.93 -37.77
N ILE A 293 12.36 -47.69 -37.47
CA ILE A 293 13.74 -47.38 -37.08
C ILE A 293 13.74 -46.98 -35.61
N GLY A 294 14.54 -47.69 -34.82
CA GLY A 294 14.52 -47.54 -33.37
C GLY A 294 14.16 -48.85 -32.68
N ALA A 295 14.28 -48.82 -31.35
CA ALA A 295 14.03 -50.04 -30.59
C ALA A 295 13.39 -49.74 -29.26
N SER A 296 12.85 -48.54 -29.08
CA SER A 296 12.14 -48.20 -27.86
C SER A 296 10.83 -48.99 -27.78
N TYR A 297 10.08 -48.76 -26.71
CA TYR A 297 8.79 -49.42 -26.62
C TYR A 297 7.80 -48.86 -27.64
N VAL A 298 7.96 -47.60 -28.10
CA VAL A 298 7.10 -47.10 -29.16
C VAL A 298 7.34 -47.88 -30.44
N ALA A 299 8.61 -47.98 -30.84
CA ALA A 299 8.98 -48.75 -32.01
C ALA A 299 8.42 -50.17 -31.94
N LEU A 300 8.72 -50.89 -30.87
CA LEU A 300 8.33 -52.30 -30.85
C LEU A 300 6.80 -52.47 -30.81
N GLU A 301 6.13 -51.64 -29.99
CA GLU A 301 4.67 -51.66 -29.90
C GLU A 301 4.03 -51.42 -31.25
N CYS A 302 4.53 -50.39 -31.99
CA CYS A 302 3.96 -50.04 -33.29
C CYS A 302 4.26 -51.11 -34.33
N ALA A 303 5.51 -51.59 -34.40
CA ALA A 303 5.81 -52.69 -35.28
C ALA A 303 4.95 -53.91 -34.96
N GLY A 304 4.61 -54.10 -33.68
CA GLY A 304 3.88 -55.28 -33.27
C GLY A 304 2.47 -55.36 -33.83
N PHE A 305 1.68 -54.27 -33.71
CA PHE A 305 0.30 -54.40 -34.16
C PHE A 305 0.20 -54.32 -35.68
N LEU A 306 1.14 -53.61 -36.33
CA LEU A 306 1.17 -53.57 -37.79
C LEU A 306 1.36 -54.96 -38.38
N ALA A 307 2.24 -55.76 -37.77
CA ALA A 307 2.42 -57.14 -38.24
C ALA A 307 1.15 -57.96 -38.02
N SER A 308 0.47 -57.76 -36.89
CA SER A 308 -0.75 -58.51 -36.62
C SER A 308 -1.91 -58.09 -37.52
N LEU A 309 -1.87 -56.90 -38.09
CA LEU A 309 -2.87 -56.49 -39.07
C LEU A 309 -2.46 -56.81 -40.51
N GLY A 310 -1.45 -57.65 -40.69
CA GLY A 310 -1.09 -58.10 -42.02
C GLY A 310 0.01 -57.33 -42.69
N GLY A 311 0.68 -56.44 -41.97
CA GLY A 311 1.78 -55.73 -42.57
C GLY A 311 3.03 -56.58 -42.66
N ASP A 312 3.90 -56.17 -43.57
CA ASP A 312 5.22 -56.78 -43.74
C ASP A 312 6.23 -55.83 -43.10
N VAL A 313 6.73 -56.19 -41.92
CA VAL A 313 7.39 -55.27 -41.00
C VAL A 313 8.84 -55.71 -40.77
N THR A 314 9.76 -54.76 -40.90
CA THR A 314 11.14 -54.91 -40.44
C THR A 314 11.43 -53.81 -39.43
N VAL A 315 12.18 -54.13 -38.38
CA VAL A 315 12.66 -53.14 -37.41
C VAL A 315 14.18 -53.08 -37.52
N MET A 316 14.71 -51.87 -37.70
CA MET A 316 16.15 -51.65 -37.74
C MET A 316 16.63 -51.23 -36.34
N VAL A 317 17.51 -52.05 -35.75
CA VAL A 317 17.90 -51.91 -34.34
C VAL A 317 19.34 -51.45 -34.27
N ARG A 318 19.58 -50.29 -33.64
CA ARG A 318 20.94 -49.75 -33.56
C ARG A 318 21.86 -50.67 -32.75
N SER A 319 21.47 -50.98 -31.50
CA SER A 319 22.21 -51.93 -30.65
C SER A 319 21.29 -52.93 -29.93
N ILE A 320 20.66 -52.53 -28.83
CA ILE A 320 19.79 -53.45 -28.07
C ILE A 320 18.34 -52.99 -28.13
N LEU A 321 17.45 -53.91 -27.73
CA LEU A 321 16.04 -53.60 -27.54
C LEU A 321 15.81 -53.03 -26.15
N LEU A 322 14.90 -52.07 -26.05
CA LEU A 322 14.39 -51.62 -24.76
C LEU A 322 15.53 -51.31 -23.78
N ARG A 323 16.46 -50.45 -24.23
CA ARG A 323 17.53 -50.02 -23.34
C ARG A 323 16.94 -49.39 -22.08
N GLY A 324 17.38 -49.84 -20.92
CA GLY A 324 16.86 -49.32 -19.67
C GLY A 324 15.94 -50.30 -18.94
N PHE A 325 15.25 -51.17 -19.68
CA PHE A 325 14.47 -52.25 -19.06
C PHE A 325 15.36 -53.48 -18.83
N ASP A 326 14.91 -54.38 -17.94
CA ASP A 326 15.54 -55.68 -17.73
C ASP A 326 15.83 -56.36 -19.07
N GLN A 327 17.10 -56.67 -19.35
CA GLN A 327 17.47 -57.14 -20.69
C GLN A 327 17.12 -58.61 -20.96
N GLN A 328 17.08 -59.48 -19.94
CA GLN A 328 16.58 -60.83 -20.21
C GLN A 328 15.16 -60.79 -20.77
N MET A 329 14.31 -59.96 -20.15
CA MET A 329 12.93 -59.78 -20.58
C MET A 329 12.83 -59.11 -21.96
N ALA A 330 13.71 -58.13 -22.24
CA ALA A 330 13.74 -57.51 -23.56
C ALA A 330 14.00 -58.53 -24.66
N GLU A 331 15.01 -59.38 -24.45
CA GLU A 331 15.28 -60.42 -25.43
C GLU A 331 14.09 -61.35 -25.62
N LYS A 332 13.42 -61.74 -24.53
CA LYS A 332 12.28 -62.62 -24.73
C LYS A 332 11.16 -61.92 -25.49
N VAL A 333 10.94 -60.63 -25.21
CA VAL A 333 9.92 -59.86 -25.94
C VAL A 333 10.21 -59.87 -27.42
N GLY A 334 11.49 -59.72 -27.79
CA GLY A 334 11.87 -59.68 -29.19
C GLY A 334 11.84 -61.03 -29.87
N ASP A 335 12.20 -62.09 -29.13
CA ASP A 335 12.13 -63.44 -29.68
C ASP A 335 10.71 -63.76 -30.10
N TYR A 336 9.74 -63.46 -29.24
CA TYR A 336 8.36 -63.72 -29.59
C TYR A 336 7.95 -62.94 -30.84
N MET A 337 8.38 -61.69 -30.96
CA MET A 337 8.00 -60.94 -32.14
C MET A 337 8.64 -61.53 -33.38
N GLU A 338 9.90 -61.94 -33.29
CA GLU A 338 10.58 -62.54 -34.43
C GLU A 338 9.93 -63.87 -34.84
N ASN A 339 9.38 -64.61 -33.86
CA ASN A 339 8.73 -65.87 -34.16
C ASN A 339 7.31 -65.73 -34.67
N HIS A 340 6.71 -64.54 -34.60
CA HIS A 340 5.34 -64.31 -35.05
C HIS A 340 5.26 -63.16 -36.06
N GLY A 341 6.14 -63.14 -37.06
CA GLY A 341 5.96 -62.22 -38.16
C GLY A 341 6.99 -61.12 -38.36
N VAL A 342 7.51 -60.53 -37.29
CA VAL A 342 8.33 -59.33 -37.40
C VAL A 342 9.77 -59.70 -37.74
N LYS A 343 10.33 -59.07 -38.77
CA LYS A 343 11.73 -59.23 -39.14
C LYS A 343 12.60 -58.19 -38.45
N PHE A 344 13.84 -58.55 -38.13
CA PHE A 344 14.74 -57.63 -37.45
C PHE A 344 16.04 -57.46 -38.23
N ALA A 345 16.44 -56.22 -38.45
CA ALA A 345 17.75 -55.87 -39.00
C ALA A 345 18.58 -55.35 -37.84
N LYS A 346 19.54 -56.15 -37.37
CA LYS A 346 20.18 -55.90 -36.09
C LYS A 346 21.56 -55.27 -36.27
N LEU A 347 21.90 -54.36 -35.36
CA LEU A 347 23.18 -53.63 -35.37
C LEU A 347 23.33 -52.85 -36.68
N CYS A 348 22.36 -51.96 -36.93
CA CYS A 348 22.19 -51.34 -38.24
C CYS A 348 21.53 -49.97 -38.07
N VAL A 349 22.02 -48.98 -38.81
CA VAL A 349 21.48 -47.63 -38.78
C VAL A 349 21.20 -47.16 -40.20
N PRO A 350 20.27 -46.19 -40.35
CA PRO A 350 19.95 -45.66 -41.69
C PRO A 350 20.86 -44.51 -42.08
N ASP A 351 21.27 -44.47 -43.36
CA ASP A 351 22.12 -43.38 -43.87
C ASP A 351 21.39 -42.32 -44.72
N GLU A 352 20.35 -42.73 -45.44
C GLU A 352 18.22 -42.17 -47.06
N ILE A 353 17.08 -41.49 -46.97
CA ILE A 353 15.82 -42.00 -47.49
C ILE A 353 15.58 -41.31 -48.83
N LYS A 354 15.66 -42.05 -49.93
CA LYS A 354 15.39 -41.54 -51.27
C LYS A 354 13.96 -41.92 -51.67
N GLN A 355 13.25 -41.00 -52.34
CA GLN A 355 11.83 -41.18 -52.65
C GLN A 355 11.62 -41.64 -54.09
N LEU A 356 10.86 -42.73 -54.25
CA LEU A 356 10.62 -43.38 -55.53
C LEU A 356 9.19 -43.20 -56.04
N LYS A 357 8.22 -43.06 -55.14
CA LYS A 357 6.86 -42.67 -55.47
C LYS A 357 6.37 -41.68 -54.43
N VAL A 358 5.62 -40.69 -54.88
CA VAL A 358 4.91 -39.74 -54.04
C VAL A 358 3.66 -40.40 -53.50
N VAL A 359 3.30 -40.03 -52.25
CA VAL A 359 2.10 -40.58 -51.64
C VAL A 359 0.90 -40.29 -52.53
N ASP A 360 0.08 -41.32 -52.78
CA ASP A 360 -1.11 -41.25 -53.63
C ASP A 360 -2.25 -40.75 -52.76
N THR A 361 -2.46 -39.44 -52.80
CA THR A 361 -3.46 -38.79 -51.96
C THR A 361 -4.89 -39.02 -52.42
N GLU A 362 -5.12 -39.46 -53.67
CA GLU A 362 -6.47 -39.59 -54.23
C GLU A 362 -7.02 -40.99 -54.00
N ASN A 363 -6.34 -42.00 -54.55
CA ASN A 363 -6.70 -43.40 -54.35
C ASN A 363 -6.41 -43.92 -52.95
N ASN A 364 -5.73 -43.13 -52.12
CA ASN A 364 -5.45 -43.48 -50.73
C ASN A 364 -4.42 -44.61 -50.60
N LYS A 365 -3.21 -44.37 -51.09
CA LYS A 365 -2.17 -45.37 -51.12
C LYS A 365 -0.85 -44.78 -50.65
N PRO A 366 0.00 -45.59 -50.05
CA PRO A 366 1.33 -45.11 -49.69
C PRO A 366 2.17 -44.89 -50.95
N GLY A 367 3.27 -44.16 -50.79
CA GLY A 367 4.25 -44.01 -51.85
C GLY A 367 5.18 -45.22 -51.89
N LEU A 368 6.44 -44.97 -52.28
CA LEU A 368 7.48 -46.00 -52.29
C LEU A 368 8.84 -45.36 -51.99
N LEU A 369 9.65 -46.02 -51.17
CA LEU A 369 10.88 -45.43 -50.68
C LEU A 369 12.06 -46.39 -50.82
N LEU A 370 13.25 -45.83 -50.84
CA LEU A 370 14.50 -46.59 -50.93
C LEU A 370 15.41 -46.22 -49.75
N VAL A 371 15.64 -47.17 -48.83
CA VAL A 371 16.45 -46.94 -47.63
C VAL A 371 17.85 -47.51 -47.83
N LYS A 372 18.86 -46.70 -47.55
CA LYS A 372 20.23 -47.15 -47.54
C LYS A 372 20.80 -46.95 -46.14
N GLY A 373 21.60 -47.93 -45.70
CA GLY A 373 22.29 -47.84 -44.44
C GLY A 373 23.43 -48.85 -44.34
N HIS A 374 23.91 -49.06 -43.12
CA HIS A 374 25.05 -49.96 -42.92
C HIS A 374 24.98 -50.63 -41.56
N TYR A 375 25.52 -51.85 -41.50
CA TYR A 375 25.72 -52.58 -40.25
C TYR A 375 27.05 -52.15 -39.61
N THR A 376 27.22 -52.49 -38.34
CA THR A 376 28.38 -52.01 -37.60
C THR A 376 29.68 -52.58 -38.13
N ASP A 377 29.65 -53.69 -38.86
CA ASP A 377 30.86 -54.24 -39.45
C ASP A 377 31.25 -53.56 -40.78
N GLY A 378 30.45 -52.61 -41.27
CA GLY A 378 30.66 -51.98 -42.55
C GLY A 378 29.75 -52.49 -43.68
N LYS A 379 29.17 -53.68 -43.56
CA LYS A 379 28.34 -54.21 -44.64
C LYS A 379 27.13 -53.32 -44.89
N LYS A 380 26.66 -53.29 -46.14
CA LYS A 380 25.69 -52.30 -46.59
C LYS A 380 24.26 -52.84 -46.52
N PHE A 381 23.32 -51.95 -46.19
CA PHE A 381 21.88 -52.22 -46.21
C PHE A 381 21.25 -51.43 -47.34
N GLU A 382 20.32 -52.06 -48.07
CA GLU A 382 19.61 -51.38 -49.15
C GLU A 382 18.34 -52.18 -49.47
N GLU A 383 17.18 -51.57 -49.22
CA GLU A 383 15.90 -52.26 -49.36
C GLU A 383 14.80 -51.22 -49.57
N GLU A 384 13.70 -51.67 -50.18
CA GLU A 384 12.53 -50.84 -50.48
C GLU A 384 11.43 -51.02 -49.43
N PHE A 385 10.74 -49.92 -49.10
CA PHE A 385 9.61 -49.91 -48.18
C PHE A 385 8.58 -48.89 -48.65
N GLU A 386 7.34 -49.04 -48.19
CA GLU A 386 6.30 -48.07 -48.53
C GLU A 386 6.17 -46.97 -47.49
N THR A 387 6.33 -47.30 -46.22
CA THR A 387 6.29 -46.35 -45.12
C THR A 387 7.51 -46.55 -44.22
N VAL A 388 8.26 -45.47 -43.95
CA VAL A 388 9.35 -45.49 -42.99
C VAL A 388 8.92 -44.71 -41.75
N ILE A 389 8.82 -45.40 -40.60
CA ILE A 389 8.46 -44.78 -39.33
C ILE A 389 9.72 -44.56 -38.49
N PHE A 390 9.92 -43.33 -38.03
CA PHE A 390 11.04 -43.02 -37.15
C PHE A 390 10.57 -43.03 -35.69
N ALA A 391 11.22 -43.87 -34.87
CA ALA A 391 10.96 -43.95 -33.43
C ALA A 391 12.29 -44.00 -32.70
N VAL A 392 13.04 -42.89 -32.73
CA VAL A 392 14.41 -42.85 -32.20
C VAL A 392 14.49 -41.86 -31.05
N GLY A 393 13.40 -41.70 -30.31
CA GLY A 393 13.39 -40.93 -29.08
C GLY A 393 12.49 -39.71 -29.17
N ARG A 394 12.32 -39.06 -28.02
CA ARG A 394 11.52 -37.85 -27.91
C ARG A 394 12.30 -36.83 -27.10
N GLU A 395 11.89 -35.56 -27.22
CA GLU A 395 12.63 -34.46 -26.61
C GLU A 395 11.72 -33.26 -26.42
N PRO A 396 12.01 -32.40 -25.46
CA PRO A 396 11.32 -31.12 -25.35
C PRO A 396 12.08 -30.05 -26.13
N GLN A 397 11.44 -28.90 -26.25
CA GLN A 397 12.04 -27.77 -26.92
C GLN A 397 11.64 -26.54 -26.11
N LEU A 398 12.25 -26.37 -24.94
CA LEU A 398 11.80 -25.34 -24.02
C LEU A 398 12.23 -23.94 -24.43
N SER A 399 13.20 -23.82 -25.34
CA SER A 399 13.54 -22.53 -25.96
C SER A 399 12.39 -21.95 -26.80
N LYS A 400 11.16 -22.38 -26.50
CA LYS A 400 10.00 -22.21 -27.35
C LYS A 400 8.85 -21.93 -26.39
N VAL A 401 9.13 -22.18 -25.11
CA VAL A 401 8.21 -21.90 -24.02
C VAL A 401 8.75 -20.84 -23.06
N LEU A 402 10.05 -20.61 -23.04
CA LEU A 402 10.69 -20.15 -21.82
C LEU A 402 11.88 -19.27 -22.22
N CYS A 403 11.68 -17.96 -22.19
CA CYS A 403 12.80 -17.04 -22.42
C CYS A 403 13.96 -17.41 -21.50
N GLU A 404 15.17 -17.39 -22.07
CA GLU A 404 16.36 -17.75 -21.32
C GLU A 404 16.58 -16.85 -20.11
N THR A 405 16.09 -15.62 -20.15
CA THR A 405 16.34 -14.64 -19.09
C THR A 405 15.46 -14.81 -17.86
N VAL A 406 14.40 -15.64 -17.93
CA VAL A 406 13.53 -15.76 -16.77
C VAL A 406 14.30 -16.31 -15.57
N GLY A 407 15.27 -17.20 -15.82
CA GLY A 407 16.04 -17.80 -14.76
C GLY A 407 15.70 -19.25 -14.43
N VAL A 408 14.96 -19.95 -15.29
CA VAL A 408 14.64 -21.37 -15.07
C VAL A 408 15.80 -22.22 -15.56
N LYS A 409 16.46 -22.91 -14.62
CA LYS A 409 17.59 -23.77 -14.95
C LYS A 409 17.13 -25.06 -15.61
N LEU A 410 17.89 -25.50 -16.62
CA LEU A 410 17.67 -26.78 -17.30
C LEU A 410 18.92 -27.64 -17.24
N ASP A 411 18.73 -28.95 -17.28
CA ASP A 411 19.83 -29.91 -17.34
C ASP A 411 20.31 -30.08 -18.79
N LYS A 412 21.26 -31.00 -18.98
CA LYS A 412 21.96 -31.18 -20.26
C LYS A 412 21.05 -31.61 -21.40
N ASN A 413 20.00 -32.39 -21.12
CA ASN A 413 19.01 -32.73 -22.14
C ASN A 413 17.90 -31.68 -22.29
N GLY A 414 17.96 -30.55 -21.62
CA GLY A 414 16.94 -29.53 -21.81
C GLY A 414 15.65 -29.72 -21.03
N ARG A 415 15.69 -30.48 -19.94
CA ARG A 415 14.55 -30.66 -19.06
C ARG A 415 14.72 -29.78 -17.82
N VAL A 416 13.62 -29.54 -17.11
CA VAL A 416 13.61 -28.60 -15.99
C VAL A 416 14.11 -29.28 -14.72
N VAL A 417 15.00 -28.60 -13.99
CA VAL A 417 15.56 -29.11 -12.74
C VAL A 417 14.69 -28.62 -11.60
N CYS A 418 14.01 -29.55 -10.92
CA CYS A 418 13.03 -29.27 -9.88
C CYS A 418 13.42 -29.90 -8.56
N THR A 419 12.99 -29.25 -7.48
CA THR A 419 13.06 -29.86 -6.16
C THR A 419 12.06 -31.02 -6.08
N ASP A 420 12.10 -31.76 -4.97
CA ASP A 420 11.15 -32.86 -4.82
C ASP A 420 9.69 -32.39 -4.68
N ASP A 421 9.40 -31.10 -4.76
CA ASP A 421 8.02 -30.60 -4.75
C ASP A 421 7.67 -29.88 -6.04
N GLU A 422 8.37 -30.22 -7.13
CA GLU A 422 8.17 -29.72 -8.48
C GLU A 422 8.49 -28.23 -8.64
N GLN A 423 9.11 -27.60 -7.65
CA GLN A 423 9.51 -26.19 -7.78
C GLN A 423 10.78 -26.08 -8.60
N THR A 424 10.80 -25.14 -9.55
CA THR A 424 11.99 -24.86 -10.35
C THR A 424 12.89 -23.87 -9.60
N THR A 425 13.74 -23.16 -10.32
CA THR A 425 14.67 -22.23 -9.70
C THR A 425 14.08 -20.84 -9.53
N VAL A 426 13.00 -20.55 -10.23
CA VAL A 426 12.17 -19.37 -9.96
C VAL A 426 11.00 -19.83 -9.10
N SER A 427 10.81 -19.19 -7.96
CA SER A 427 10.08 -19.80 -6.85
C SER A 427 8.56 -19.85 -7.06
N ASN A 428 7.99 -19.03 -7.94
CA ASN A 428 6.57 -19.16 -8.25
C ASN A 428 6.31 -20.03 -9.48
N VAL A 429 7.34 -20.63 -10.07
CA VAL A 429 7.23 -21.39 -11.32
C VAL A 429 7.54 -22.85 -11.05
N TYR A 430 6.67 -23.74 -11.54
CA TYR A 430 6.78 -25.17 -11.32
C TYR A 430 6.72 -25.92 -12.65
N ALA A 431 7.31 -27.13 -12.68
CA ALA A 431 7.25 -28.00 -13.85
C ALA A 431 6.77 -29.39 -13.46
N ILE A 432 5.96 -30.01 -14.35
CA ILE A 432 5.37 -31.34 -14.16
C ILE A 432 5.45 -32.14 -15.47
N GLY A 433 5.24 -33.44 -15.36
CA GLY A 433 5.16 -34.28 -16.55
C GLY A 433 6.50 -34.63 -17.16
N ASP A 434 6.47 -34.93 -18.47
CA ASP A 434 7.68 -35.34 -19.18
C ASP A 434 8.82 -34.30 -19.11
N ILE A 435 8.52 -33.01 -18.93
CA ILE A 435 9.64 -32.07 -18.92
C ILE A 435 10.33 -31.97 -17.56
N ASN A 436 9.86 -32.68 -16.53
CA ASN A 436 10.50 -32.65 -15.22
C ASN A 436 11.65 -33.68 -15.19
N ALA A 437 12.90 -33.18 -15.18
CA ALA A 437 14.10 -34.01 -15.29
C ALA A 437 14.12 -35.17 -14.31
N GLY A 438 14.57 -36.34 -14.80
CA GLY A 438 14.85 -37.47 -13.95
C GLY A 438 13.66 -38.35 -13.58
N LYS A 439 12.42 -37.89 -13.80
CA LYS A 439 11.14 -38.50 -13.43
C LYS A 439 10.66 -39.48 -14.50
N PRO A 440 10.06 -40.60 -14.09
CA PRO A 440 9.50 -41.51 -15.08
C PRO A 440 8.52 -40.81 -15.99
N GLN A 441 8.73 -40.90 -17.30
CA GLN A 441 7.88 -40.23 -18.28
C GLN A 441 6.66 -41.09 -18.56
N LEU A 442 5.61 -40.90 -17.77
CA LEU A 442 4.38 -41.69 -17.89
C LEU A 442 3.18 -40.81 -17.58
N THR A 443 2.04 -41.15 -18.18
CA THR A 443 0.83 -40.33 -18.00
C THR A 443 0.31 -40.34 -16.55
N PRO A 444 0.15 -41.49 -15.89
CA PRO A 444 -0.35 -41.42 -14.50
C PRO A 444 0.61 -40.73 -13.53
N VAL A 445 1.90 -40.61 -13.85
CA VAL A 445 2.79 -39.81 -13.03
C VAL A 445 2.53 -38.32 -13.24
N ALA A 446 2.35 -37.90 -14.50
CA ALA A 446 1.95 -36.53 -14.79
C ALA A 446 0.66 -36.15 -14.07
N ILE A 447 -0.34 -37.04 -14.11
CA ILE A 447 -1.62 -36.76 -13.48
C ILE A 447 -1.44 -36.57 -11.97
N GLN A 448 -0.79 -37.54 -11.32
CA GLN A 448 -0.61 -37.41 -9.87
C GLN A 448 0.22 -36.18 -9.51
N ALA A 449 1.30 -35.94 -10.25
CA ALA A 449 2.11 -34.75 -9.93
C ALA A 449 1.25 -33.49 -10.00
N GLY A 450 0.41 -33.37 -11.03
CA GLY A 450 -0.38 -32.16 -11.21
C GLY A 450 -1.40 -31.96 -10.10
N ARG A 451 -2.15 -33.02 -9.77
CA ARG A 451 -3.19 -32.91 -8.77
C ARG A 451 -2.61 -32.59 -7.39
N TYR A 452 -1.51 -33.26 -7.01
CA TYR A 452 -0.90 -33.04 -5.70
C TYR A 452 -0.29 -31.64 -5.58
N LEU A 453 0.24 -31.09 -6.67
CA LEU A 453 0.79 -29.75 -6.61
C LEU A 453 -0.31 -28.71 -6.42
N ALA A 454 -1.42 -28.85 -7.17
CA ALA A 454 -2.59 -27.99 -6.98
C ALA A 454 -3.05 -27.96 -5.55
N ARG A 455 -3.02 -29.10 -4.85
CA ARG A 455 -3.49 -29.11 -3.47
C ARG A 455 -2.53 -28.40 -2.52
N ARG A 456 -1.22 -28.58 -2.73
CA ARG A 456 -0.28 -27.84 -1.90
C ARG A 456 -0.38 -26.33 -2.14
N LEU A 457 -0.66 -25.90 -3.37
CA LEU A 457 -0.68 -24.46 -3.67
C LEU A 457 -1.93 -23.76 -3.15
N PHE A 458 -3.10 -24.39 -3.24
CA PHE A 458 -4.33 -23.65 -2.99
C PHE A 458 -5.18 -24.23 -1.86
N ALA A 459 -4.73 -25.33 -1.21
CA ALA A 459 -5.51 -25.92 -0.14
C ALA A 459 -4.62 -26.41 1.00
N GLY A 460 -3.36 -25.98 1.05
CA GLY A 460 -2.52 -26.25 2.19
C GLY A 460 -2.03 -27.67 2.35
N ALA A 461 -2.37 -28.59 1.44
CA ALA A 461 -1.93 -29.97 1.55
C ALA A 461 -0.42 -30.02 1.66
N THR A 462 0.11 -31.14 2.15
CA THR A 462 1.56 -31.29 2.23
C THR A 462 2.09 -32.54 1.54
N GLU A 463 1.23 -33.38 0.98
CA GLU A 463 1.66 -34.66 0.44
C GLU A 463 2.47 -34.45 -0.84
N LEU A 464 3.60 -35.12 -0.92
CA LEU A 464 4.43 -35.09 -2.12
C LEU A 464 4.09 -36.27 -3.03
N THR A 465 4.42 -36.12 -4.32
CA THR A 465 4.31 -37.24 -5.26
C THR A 465 5.48 -38.22 -5.07
N ASP A 466 5.16 -39.50 -4.87
CA ASP A 466 6.18 -40.54 -4.69
C ASP A 466 6.50 -41.20 -6.03
N TYR A 467 7.70 -40.93 -6.56
CA TYR A 467 8.15 -41.40 -7.87
C TYR A 467 8.92 -42.72 -7.82
N SER A 468 9.06 -43.36 -6.66
CA SER A 468 9.81 -44.60 -6.55
C SER A 468 8.94 -45.80 -6.91
N ASN A 469 9.51 -46.75 -7.65
CA ASN A 469 8.92 -48.06 -7.89
C ASN A 469 7.61 -47.98 -8.69
N VAL A 470 7.58 -47.12 -9.70
CA VAL A 470 6.36 -46.96 -10.49
C VAL A 470 6.32 -48.04 -11.56
N ALA A 471 5.23 -48.81 -11.61
CA ALA A 471 5.18 -49.95 -12.51
C ALA A 471 4.78 -49.52 -13.92
N THR A 472 5.11 -50.39 -14.88
CA THR A 472 4.97 -50.08 -16.29
C THR A 472 4.42 -51.30 -17.02
N THR A 473 3.88 -51.07 -18.22
CA THR A 473 3.59 -52.18 -19.12
C THR A 473 3.95 -51.79 -20.55
N VAL A 474 4.66 -52.69 -21.24
CA VAL A 474 4.96 -52.59 -22.67
C VAL A 474 3.98 -53.46 -23.42
N PHE A 475 3.14 -52.83 -24.25
CA PHE A 475 2.04 -53.52 -24.92
C PHE A 475 2.46 -54.11 -26.27
N THR A 476 3.54 -54.88 -26.24
CA THR A 476 3.99 -55.71 -27.36
C THR A 476 3.03 -56.88 -27.56
N PRO A 477 3.11 -57.61 -28.70
CA PRO A 477 2.12 -58.68 -28.93
C PRO A 477 2.01 -59.70 -27.79
N LEU A 478 3.11 -60.05 -27.14
CA LEU A 478 3.06 -60.57 -25.77
C LEU A 478 3.52 -59.46 -24.83
N GLU A 479 2.72 -59.16 -23.83
CA GLU A 479 2.96 -57.95 -23.06
C GLU A 479 4.05 -58.16 -22.01
N TYR A 480 4.64 -57.05 -21.57
CA TYR A 480 5.67 -57.09 -20.53
C TYR A 480 5.38 -56.04 -19.45
N GLY A 481 4.88 -56.49 -18.29
CA GLY A 481 4.70 -55.63 -17.12
C GLY A 481 5.86 -55.74 -16.14
N ALA A 482 6.29 -54.60 -15.59
CA ALA A 482 7.35 -54.62 -14.57
C ALA A 482 7.02 -53.61 -13.47
N CYS A 483 7.59 -53.86 -12.28
CA CYS A 483 7.57 -52.93 -11.14
C CYS A 483 8.84 -53.13 -10.31
N GLY A 484 9.68 -52.09 -10.24
CA GLY A 484 10.90 -52.14 -9.45
C GLY A 484 12.19 -52.25 -10.24
N LEU A 485 13.22 -52.81 -9.62
CA LEU A 485 14.53 -52.91 -10.26
C LEU A 485 14.59 -54.06 -11.26
N SER A 486 15.29 -53.85 -12.35
CA SER A 486 15.75 -54.94 -13.20
C SER A 486 16.77 -55.83 -12.47
N GLU A 487 17.02 -56.99 -13.06
CA GLU A 487 17.91 -57.97 -12.43
C GLU A 487 19.36 -57.47 -12.44
N GLU A 488 19.84 -56.97 -13.58
CA GLU A 488 21.19 -56.44 -13.66
C GLU A 488 21.37 -55.24 -12.73
N ASP A 489 20.39 -54.35 -12.66
CA ASP A 489 20.48 -53.20 -11.75
C ASP A 489 20.54 -53.64 -10.30
N ALA A 490 19.65 -54.55 -9.90
CA ALA A 490 19.68 -55.07 -8.54
C ALA A 490 21.05 -55.63 -8.19
N ILE A 491 21.64 -56.40 -9.13
CA ILE A 491 22.95 -57.01 -8.90
C ILE A 491 24.03 -55.94 -8.78
N GLU A 492 23.93 -54.89 -9.60
CA GLU A 492 24.94 -53.84 -9.58
C GLU A 492 24.93 -53.07 -8.27
N LYS A 493 23.75 -52.83 -7.69
CA LYS A 493 23.64 -52.06 -6.46
C LYS A 493 24.04 -52.86 -5.23
N TYR A 494 23.72 -54.15 -5.17
CA TYR A 494 23.95 -54.92 -3.96
C TYR A 494 24.94 -56.07 -4.12
N GLY A 495 25.28 -56.48 -5.34
CA GLY A 495 26.25 -57.54 -5.53
C GLY A 495 25.62 -58.89 -5.74
N ASP A 496 26.22 -59.73 -6.58
CA ASP A 496 25.59 -60.99 -6.96
C ASP A 496 25.29 -61.88 -5.76
N LYS A 497 26.09 -61.79 -4.70
CA LYS A 497 25.93 -62.74 -3.61
C LYS A 497 24.74 -62.42 -2.72
N ASP A 498 24.26 -61.18 -2.74
CA ASP A 498 23.13 -60.72 -1.93
C ASP A 498 21.82 -60.72 -2.71
N ILE A 499 21.79 -61.31 -3.90
CA ILE A 499 20.62 -61.27 -4.77
C ILE A 499 20.19 -62.69 -5.07
N GLU A 500 18.92 -62.99 -4.84
CA GLU A 500 18.33 -64.27 -5.21
C GLU A 500 17.14 -64.04 -6.12
N VAL A 501 17.02 -64.89 -7.14
CA VAL A 501 16.04 -64.70 -8.19
C VAL A 501 15.21 -65.96 -8.29
N TYR A 502 13.90 -65.84 -8.12
CA TYR A 502 12.98 -66.94 -8.30
C TYR A 502 12.27 -66.74 -9.63
N HIS A 503 12.19 -67.80 -10.43
CA HIS A 503 11.60 -67.64 -11.76
C HIS A 503 10.89 -68.93 -12.16
N SER A 504 9.99 -68.81 -13.13
CA SER A 504 9.24 -69.95 -13.63
C SER A 504 8.60 -69.58 -14.95
N ASN A 505 8.58 -70.52 -15.88
CA ASN A 505 7.73 -70.41 -17.06
C ASN A 505 6.29 -70.72 -16.69
N PHE A 506 5.36 -70.43 -17.62
CA PHE A 506 3.96 -70.84 -17.44
C PHE A 506 3.20 -70.76 -18.76
N LYS A 507 2.04 -71.41 -18.77
CA LYS A 507 1.16 -71.48 -19.94
C LYS A 507 -0.26 -71.14 -19.53
N PRO A 508 -0.87 -70.09 -20.11
CA PRO A 508 -2.25 -69.76 -19.78
C PRO A 508 -3.19 -70.89 -20.15
N LEU A 509 -4.26 -71.06 -19.36
CA LEU A 509 -5.22 -72.12 -19.65
C LEU A 509 -5.90 -71.88 -20.99
N GLU A 510 -6.11 -70.61 -21.34
CA GLU A 510 -6.69 -70.23 -22.62
C GLU A 510 -5.86 -70.73 -23.80
N TRP A 511 -4.60 -71.11 -23.59
CA TRP A 511 -3.70 -71.50 -24.66
C TRP A 511 -3.65 -73.01 -24.90
N THR A 512 -4.15 -73.81 -23.96
CA THR A 512 -4.03 -75.25 -24.11
C THR A 512 -4.86 -75.73 -25.29
N VAL A 513 -6.15 -75.40 -25.30
CA VAL A 513 -7.05 -75.89 -26.36
C VAL A 513 -6.70 -75.28 -27.70
N ALA A 514 -6.19 -74.03 -27.71
CA ALA A 514 -5.78 -73.38 -28.95
C ALA A 514 -4.43 -73.86 -29.42
N HIS A 515 -3.87 -74.87 -28.76
CA HIS A 515 -2.53 -75.36 -29.10
C HIS A 515 -1.54 -74.17 -29.07
N GLU A 517 1.85 -72.14 -27.43
CA GLU A 517 3.22 -72.52 -27.01
C GLU A 517 3.31 -72.86 -25.53
N ASP A 518 4.20 -73.79 -25.20
CA ASP A 518 4.28 -74.36 -23.86
C ASP A 518 5.14 -73.54 -22.90
N ASN A 519 6.24 -72.96 -23.36
CA ASN A 519 7.19 -72.40 -22.39
C ASN A 519 7.70 -71.05 -22.87
N VAL A 520 6.78 -70.20 -23.30
CA VAL A 520 7.10 -68.85 -23.72
C VAL A 520 6.82 -67.83 -22.62
N CYS A 521 5.70 -67.95 -21.90
CA CYS A 521 5.43 -66.98 -20.84
C CYS A 521 6.35 -67.23 -19.65
N TYR A 522 6.81 -66.14 -19.01
CA TYR A 522 7.90 -66.22 -18.06
C TYR A 522 7.69 -65.17 -16.98
N MET A 523 7.98 -65.51 -15.73
CA MET A 523 7.98 -64.50 -14.68
C MET A 523 9.12 -64.73 -13.71
N LYS A 524 9.55 -63.66 -13.06
CA LYS A 524 10.57 -63.80 -12.04
C LYS A 524 10.35 -62.74 -10.95
N LEU A 525 10.96 -63.01 -9.80
CA LEU A 525 11.03 -62.11 -8.65
C LEU A 525 12.50 -61.93 -8.29
N VAL A 526 12.94 -60.69 -8.22
CA VAL A 526 14.32 -60.35 -7.89
C VAL A 526 14.36 -59.92 -6.43
N CYS A 527 15.06 -60.68 -5.59
CA CYS A 527 14.96 -60.51 -4.14
C CYS A 527 16.33 -60.25 -3.52
N ARG A 528 16.31 -59.76 -2.27
CA ARG A 528 17.52 -59.36 -1.55
C ARG A 528 17.71 -60.18 -0.28
N LYS A 529 18.74 -61.04 -0.29
CA LYS A 529 18.93 -61.98 0.81
C LYS A 529 19.02 -61.28 2.16
N SER A 530 19.77 -60.18 2.25
CA SER A 530 20.07 -59.64 3.57
C SER A 530 18.92 -58.83 4.15
N ASP A 531 18.01 -58.32 3.32
CA ASP A 531 16.85 -57.54 3.77
C ASP A 531 15.60 -58.41 3.79
N ASN A 532 15.67 -59.54 4.49
CA ASN A 532 14.53 -60.43 4.68
C ASN A 532 14.00 -60.99 3.35
N MET A 533 14.82 -60.98 2.31
CA MET A 533 14.43 -61.41 0.98
C MET A 533 13.35 -60.47 0.42
N ARG A 534 13.61 -59.17 0.53
CA ARG A 534 12.71 -58.16 0.01
C ARG A 534 12.58 -58.31 -1.50
N VAL A 535 11.40 -57.96 -2.01
CA VAL A 535 11.16 -58.03 -3.44
C VAL A 535 11.64 -56.71 -4.05
N LEU A 536 12.76 -56.74 -4.76
CA LEU A 536 13.28 -55.54 -5.41
C LEU A 536 12.73 -55.34 -6.81
N GLY A 537 12.28 -56.41 -7.49
CA GLY A 537 11.71 -56.30 -8.83
C GLY A 537 10.75 -57.44 -9.16
N LEU A 538 9.61 -57.12 -9.77
CA LEU A 538 8.70 -58.11 -10.32
C LEU A 538 8.66 -57.95 -11.85
N HIS A 539 8.82 -59.07 -12.57
CA HIS A 539 8.80 -59.12 -14.04
C HIS A 539 7.89 -60.26 -14.52
N VAL A 540 7.06 -59.99 -15.53
CA VAL A 540 6.13 -60.98 -16.09
C VAL A 540 5.87 -60.69 -17.56
N LEU A 541 6.11 -61.70 -18.40
CA LEU A 541 5.75 -61.64 -19.81
C LEU A 541 4.57 -62.58 -20.05
N GLY A 542 3.49 -62.03 -20.60
CA GLY A 542 2.33 -62.83 -20.91
C GLY A 542 1.13 -61.97 -21.24
N PRO A 543 -0.02 -62.62 -21.38
CA PRO A 543 -1.26 -61.87 -21.67
C PRO A 543 -1.77 -61.12 -20.45
N ASN A 544 -2.34 -59.93 -20.71
CA ASN A 544 -2.91 -59.05 -19.68
C ASN A 544 -1.89 -58.72 -18.61
N ALA A 545 -0.66 -58.45 -19.04
CA ALA A 545 0.43 -58.23 -18.10
C ALA A 545 0.23 -56.97 -17.27
N GLY A 546 -0.63 -56.05 -17.73
CA GLY A 546 -0.91 -54.84 -16.99
C GLY A 546 -1.92 -55.06 -15.88
N GLU A 547 -2.97 -55.82 -16.17
CA GLU A 547 -3.89 -56.18 -15.10
C GLU A 547 -3.18 -57.05 -14.06
N ILE A 548 -2.32 -57.97 -14.52
CA ILE A 548 -1.53 -58.82 -13.62
C ILE A 548 -0.71 -57.99 -12.66
N THR A 549 0.09 -57.05 -13.21
CA THR A 549 1.13 -56.36 -12.46
C THR A 549 0.58 -55.35 -11.47
N GLN A 550 -0.45 -54.60 -11.87
CA GLN A 550 -0.88 -53.44 -11.09
C GLN A 550 -1.02 -53.75 -9.60
N GLY A 551 -1.84 -54.74 -9.26
CA GLY A 551 -2.08 -55.06 -7.86
C GLY A 551 -0.80 -55.26 -7.06
N TYR A 552 0.22 -55.92 -7.64
CA TYR A 552 1.48 -56.13 -6.91
C TYR A 552 2.22 -54.82 -6.65
N ALA A 553 2.00 -53.78 -7.48
CA ALA A 553 2.67 -52.49 -7.24
C ALA A 553 2.33 -51.92 -5.87
N VAL A 554 1.14 -52.23 -5.33
CA VAL A 554 0.76 -51.75 -3.99
C VAL A 554 1.57 -52.48 -2.92
N ALA A 555 1.82 -53.77 -3.10
CA ALA A 555 2.52 -54.54 -2.09
C ALA A 555 4.01 -54.21 -2.08
N ILE A 556 4.59 -54.05 -3.26
CA ILE A 556 5.96 -53.58 -3.36
C ILE A 556 6.12 -52.25 -2.65
N LYS A 557 5.22 -51.31 -2.93
CA LYS A 557 5.22 -50.03 -2.25
C LYS A 557 5.28 -50.22 -0.75
N MET A 558 4.56 -51.22 -0.21
CA MET A 558 4.57 -51.43 1.23
C MET A 558 5.80 -52.17 1.72
N GLY A 559 6.70 -52.62 0.83
CA GLY A 559 7.88 -53.38 1.21
C GLY A 559 7.69 -54.89 1.28
N ALA A 560 7.03 -55.48 0.28
CA ALA A 560 6.71 -56.91 0.33
C ALA A 560 7.97 -57.77 0.24
N THR A 561 7.93 -58.93 0.92
CA THR A 561 9.01 -59.91 0.90
C THR A 561 8.56 -61.19 0.21
N LYS A 562 9.53 -62.08 -0.04
CA LYS A 562 9.22 -63.37 -0.61
C LYS A 562 8.22 -64.12 0.26
N ALA A 563 8.28 -63.91 1.57
CA ALA A 563 7.38 -64.63 2.46
C ALA A 563 5.95 -64.09 2.38
N ASP A 564 5.79 -62.82 2.00
CA ASP A 564 4.44 -62.27 1.86
C ASP A 564 3.76 -62.86 0.62
N PHE A 565 4.52 -62.98 -0.47
CA PHE A 565 4.04 -63.70 -1.65
C PHE A 565 3.72 -65.15 -1.31
N ASP A 566 4.54 -65.79 -0.46
CA ASP A 566 4.30 -67.19 -0.17
C ASP A 566 3.03 -67.41 0.67
N ARG A 567 2.74 -66.52 1.63
CA ARG A 567 1.58 -66.79 2.49
C ARG A 567 0.24 -66.43 1.85
N THR A 568 0.24 -65.65 0.76
CA THR A 568 -0.99 -65.37 0.04
C THR A 568 -1.37 -66.54 -0.87
N ILE A 569 -2.67 -66.87 -0.90
CA ILE A 569 -3.10 -67.99 -1.75
C ILE A 569 -3.45 -67.47 -3.14
N GLY A 570 -3.36 -68.34 -4.13
CA GLY A 570 -3.65 -67.95 -5.48
C GLY A 570 -5.12 -67.99 -5.80
N ILE A 571 -5.47 -67.39 -6.95
CA ILE A 571 -6.81 -67.45 -7.53
C ILE A 571 -6.71 -68.33 -8.76
N HIS A 572 -7.48 -69.43 -8.79
CA HIS A 572 -7.34 -70.43 -9.83
C HIS A 572 -8.62 -70.55 -10.66
N PRO A 573 -8.50 -70.74 -11.97
CA PRO A 573 -7.25 -70.72 -12.75
C PRO A 573 -6.94 -69.31 -13.27
N THR A 574 -5.75 -68.76 -12.97
CA THR A 574 -5.28 -67.49 -13.53
C THR A 574 -3.81 -67.61 -13.86
N CYS A 575 -3.34 -66.78 -14.80
CA CYS A 575 -1.90 -66.61 -14.97
C CYS A 575 -1.27 -66.07 -13.68
N SER A 576 -1.83 -64.98 -13.14
CA SER A 576 -1.18 -64.21 -12.08
C SER A 576 -0.81 -65.08 -10.88
N GLU A 577 -1.65 -66.10 -10.56
CA GLU A 577 -1.47 -66.94 -9.38
C GLU A 577 -0.11 -67.64 -9.34
N THR A 578 0.59 -67.69 -10.48
CA THR A 578 1.89 -68.34 -10.53
C THR A 578 2.91 -67.61 -9.65
N PHE A 579 2.71 -66.32 -9.40
CA PHE A 579 3.60 -65.60 -8.49
C PHE A 579 3.54 -66.11 -7.06
N THR A 580 2.44 -66.75 -6.64
CA THR A 580 2.28 -67.14 -5.24
C THR A 580 2.85 -68.51 -4.93
N THR A 581 3.50 -69.19 -5.91
CA THR A 581 4.15 -70.46 -5.66
C THR A 581 5.55 -70.57 -6.26
N LEU A 582 6.22 -69.46 -6.53
CA LEU A 582 7.56 -69.55 -7.09
C LEU A 582 8.50 -70.26 -6.12
N HIS A 583 9.42 -71.07 -6.64
CA HIS A 583 10.37 -71.78 -5.78
C HIS A 583 11.70 -72.16 -6.43
N VAL A 584 11.82 -72.12 -7.74
CA VAL A 584 13.07 -72.46 -8.40
C VAL A 584 13.96 -71.22 -8.47
N THR A 585 15.18 -71.32 -7.96
CA THR A 585 16.14 -70.21 -7.99
C THR A 585 17.04 -70.31 -9.21
N LYS A 586 17.57 -69.14 -9.62
CA LYS A 586 18.59 -69.13 -10.66
C LYS A 586 19.87 -69.83 -10.18
N LYS A 587 20.24 -69.61 -8.92
CA LYS A 587 21.40 -70.29 -8.38
C LYS A 587 21.27 -71.81 -8.52
N SER A 588 20.10 -72.37 -8.19
CA SER A 588 19.95 -73.81 -8.21
C SER A 588 20.31 -74.44 -9.55
N GLY A 589 20.43 -73.66 -10.62
CA GLY A 589 20.67 -74.21 -11.93
C GLY A 589 19.49 -75.00 -12.48
N VAL A 590 18.44 -75.21 -11.68
CA VAL A 590 17.30 -76.02 -12.11
C VAL A 590 16.49 -75.31 -13.20
N SER A 591 15.91 -76.10 -14.08
CA SER A 591 15.18 -75.54 -15.22
C SER A 591 13.83 -74.96 -14.79
N PRO A 592 13.46 -73.79 -15.31
CA PRO A 592 12.18 -73.16 -14.94
C PRO A 592 11.00 -73.54 -15.82
N ILE A 593 11.15 -74.52 -16.74
CA ILE A 593 10.04 -74.92 -17.62
C ILE A 593 9.01 -75.76 -16.85
N VAL A 594 7.81 -75.87 -17.43
CA VAL A 594 6.73 -76.70 -16.87
C VAL A 594 6.19 -77.69 -17.92
N GLY B 7 5.71 56.96 49.23
CA GLY B 7 5.09 55.84 48.54
C GLY B 7 3.72 56.19 47.98
N THR B 8 2.72 56.27 48.87
CA THR B 8 1.37 56.62 48.44
C THR B 8 1.29 58.04 47.87
N SER B 9 2.22 58.93 48.27
CA SER B 9 2.17 60.32 47.82
C SER B 9 2.58 60.44 46.36
N GLN B 10 3.57 59.64 45.94
CA GLN B 10 3.94 59.62 44.54
C GLN B 10 2.78 59.15 43.68
N TRP B 11 2.01 58.18 44.18
CA TRP B 11 0.92 57.59 43.41
C TRP B 11 -0.24 58.57 43.22
N LEU B 12 -0.77 59.10 44.33
CA LEU B 12 -1.96 59.95 44.27
C LEU B 12 -1.71 61.22 43.44
N ARG B 13 -0.50 61.76 43.50
CA ARG B 13 -0.13 62.89 42.64
C ARG B 13 -0.40 62.58 41.17
N LYS B 14 0.21 61.50 40.67
CA LYS B 14 0.16 61.18 39.25
C LYS B 14 -1.24 60.77 38.80
N THR B 15 -1.97 60.06 39.67
CA THR B 15 -3.36 59.69 39.38
C THR B 15 -4.23 60.93 39.18
N VAL B 16 -4.20 61.86 40.14
CA VAL B 16 -5.05 63.04 40.08
C VAL B 16 -4.66 63.94 38.91
N ASP B 17 -3.36 64.04 38.63
CA ASP B 17 -2.93 64.83 37.47
C ASP B 17 -3.37 64.18 36.17
N SER B 18 -3.38 62.85 36.10
CA SER B 18 -3.62 62.19 34.82
C SER B 18 -5.12 61.99 34.55
N ALA B 19 -5.90 61.66 35.58
CA ALA B 19 -7.32 61.35 35.38
C ALA B 19 -8.07 62.53 34.76
N ALA B 20 -9.10 62.22 33.98
CA ALA B 20 -9.95 63.23 33.36
C ALA B 20 -11.06 63.68 34.30
N VAL B 21 -11.87 62.74 34.78
CA VAL B 21 -12.81 62.94 35.89
C VAL B 21 -12.69 61.74 36.81
N ILE B 22 -12.38 61.97 38.10
CA ILE B 22 -12.17 60.86 39.04
C ILE B 22 -12.80 61.20 40.39
N LEU B 23 -13.54 60.25 40.96
CA LEU B 23 -14.32 60.45 42.18
C LEU B 23 -13.80 59.50 43.24
N PHE B 24 -13.24 60.07 44.31
CA PHE B 24 -12.83 59.28 45.47
C PHE B 24 -14.05 59.09 46.35
N SER B 25 -14.41 57.83 46.60
CA SER B 25 -15.72 57.49 47.15
C SER B 25 -15.56 56.46 48.28
N LYS B 26 -16.71 56.01 48.81
CA LYS B 26 -16.83 54.88 49.71
C LYS B 26 -18.12 54.17 49.39
N THR B 27 -18.10 52.83 49.38
CA THR B 27 -19.28 52.08 48.99
C THR B 27 -20.46 52.36 49.91
N THR B 28 -20.17 52.72 51.16
CA THR B 28 -21.20 52.87 52.19
C THR B 28 -21.81 54.25 52.24
N CYS B 29 -21.03 55.29 51.94
CA CYS B 29 -21.44 56.66 52.22
C CYS B 29 -22.55 57.12 51.28
N PRO B 30 -23.76 57.43 51.78
CA PRO B 30 -24.84 57.88 50.89
C PRO B 30 -24.62 59.28 50.31
N TYR B 31 -23.68 60.04 50.86
CA TYR B 31 -23.32 61.31 50.25
C TYR B 31 -22.51 61.10 48.97
N CYS B 32 -21.80 59.97 48.89
CA CYS B 32 -21.16 59.56 47.63
C CYS B 32 -22.16 59.01 46.62
N LYS B 33 -23.22 58.32 47.10
CA LYS B 33 -24.29 57.85 46.23
C LYS B 33 -25.03 59.03 45.60
N LYS B 34 -25.29 60.07 46.39
CA LYS B 34 -25.94 61.25 45.85
C LYS B 34 -25.13 61.83 44.70
N VAL B 35 -23.81 61.95 44.87
CA VAL B 35 -22.98 62.54 43.82
C VAL B 35 -22.80 61.57 42.65
N LYS B 36 -22.77 60.26 42.90
CA LYS B 36 -22.70 59.31 41.80
C LYS B 36 -23.90 59.48 40.88
N ASP B 37 -25.10 59.61 41.46
CA ASP B 37 -26.32 59.68 40.65
C ASP B 37 -26.40 60.97 39.86
N VAL B 38 -25.83 62.05 40.38
CA VAL B 38 -25.87 63.32 39.66
C VAL B 38 -25.03 63.24 38.40
N LEU B 39 -23.82 62.70 38.51
CA LEU B 39 -22.98 62.46 37.33
C LEU B 39 -23.67 61.52 36.35
N ALA B 40 -24.28 60.46 36.86
CA ALA B 40 -24.97 59.51 35.99
C ALA B 40 -26.12 60.16 35.24
N GLU B 41 -26.92 60.99 35.93
CA GLU B 41 -27.99 61.73 35.26
C GLU B 41 -27.44 62.67 34.19
N ALA B 42 -26.43 63.47 34.56
CA ALA B 42 -25.79 64.38 33.61
C ALA B 42 -25.05 63.65 32.51
N LYS B 43 -25.04 62.30 32.52
CA LYS B 43 -24.32 61.50 31.54
C LYS B 43 -22.85 61.93 31.45
N ILE B 44 -22.23 62.10 32.62
CA ILE B 44 -20.82 62.44 32.72
C ILE B 44 -20.08 61.18 33.18
N LYS B 45 -19.26 60.61 32.30
CA LYS B 45 -18.50 59.43 32.65
C LYS B 45 -17.32 59.81 33.53
N HIS B 46 -16.86 58.87 34.35
CA HIS B 46 -15.77 59.13 35.28
C HIS B 46 -15.23 57.82 35.84
N ALA B 47 -14.01 57.89 36.35
CA ALA B 47 -13.44 56.84 37.20
C ALA B 47 -13.92 57.02 38.64
N THR B 48 -14.04 55.90 39.36
CA THR B 48 -14.28 55.93 40.79
C THR B 48 -13.16 55.15 41.49
N ILE B 49 -12.83 55.57 42.71
CA ILE B 49 -11.86 54.87 43.55
C ILE B 49 -12.51 54.72 44.92
N GLU B 50 -13.03 53.53 45.21
CA GLU B 50 -13.69 53.27 46.50
C GLU B 50 -12.62 53.06 47.56
N LEU B 51 -12.49 54.03 48.47
CA LEU B 51 -11.38 54.00 49.43
C LEU B 51 -11.57 52.93 50.51
N ASP B 52 -12.83 52.57 50.82
CA ASP B 52 -13.05 51.53 51.81
C ASP B 52 -12.58 50.16 51.33
N GLN B 53 -12.37 49.99 50.02
CA GLN B 53 -12.00 48.70 49.45
C GLN B 53 -10.51 48.58 49.14
N LEU B 54 -9.67 49.33 49.86
CA LEU B 54 -8.23 49.32 49.62
C LEU B 54 -7.47 49.15 50.93
N SER B 55 -6.21 48.73 50.81
CA SER B 55 -5.39 48.46 51.98
C SER B 55 -4.85 49.75 52.59
N ASN B 56 -4.17 50.58 51.79
CA ASN B 56 -3.76 51.89 52.28
C ASN B 56 -4.91 52.87 52.07
N GLY B 57 -6.15 52.35 52.10
CA GLY B 57 -7.32 53.20 51.88
C GLY B 57 -7.38 54.36 52.85
N SER B 58 -7.16 54.09 54.14
CA SER B 58 -7.25 55.14 55.14
C SER B 58 -6.12 56.17 54.99
N ALA B 59 -4.94 55.72 54.59
CA ALA B 59 -3.82 56.65 54.41
C ALA B 59 -4.07 57.60 53.24
N ILE B 60 -4.73 57.10 52.18
CA ILE B 60 -5.01 57.94 51.01
C ILE B 60 -5.94 59.09 51.39
N GLN B 61 -6.98 58.79 52.17
CA GLN B 61 -7.93 59.83 52.56
C GLN B 61 -7.23 60.99 53.24
N LYS B 62 -6.26 60.70 54.10
CA LYS B 62 -5.51 61.77 54.75
C LYS B 62 -4.51 62.41 53.81
N CYS B 63 -3.99 61.66 52.83
CA CYS B 63 -3.07 62.22 51.87
C CYS B 63 -3.80 63.01 50.78
N LEU B 64 -5.12 62.79 50.64
CA LEU B 64 -5.95 63.55 49.72
C LEU B 64 -6.17 64.97 50.18
N ALA B 65 -5.98 65.26 51.47
CA ALA B 65 -6.21 66.60 52.00
C ALA B 65 -5.18 67.60 51.48
N SER B 66 -4.04 67.12 50.99
CA SER B 66 -3.01 67.98 50.43
C SER B 66 -3.46 68.68 49.15
N PHE B 67 -4.42 68.11 48.43
CA PHE B 67 -4.96 68.83 47.29
C PHE B 67 -6.18 69.64 47.68
N SER B 68 -7.02 69.11 48.57
CA SER B 68 -8.38 69.60 48.76
C SER B 68 -8.62 70.37 50.04
N LYS B 69 -7.75 70.22 51.04
CA LYS B 69 -7.93 70.78 52.37
C LYS B 69 -9.12 70.16 53.10
N ILE B 70 -9.69 69.07 52.61
CA ILE B 70 -10.69 68.33 53.36
C ILE B 70 -10.27 66.86 53.44
N GLU B 71 -10.70 66.20 54.51
CA GLU B 71 -10.36 64.79 54.75
C GLU B 71 -11.50 63.85 54.41
N THR B 72 -12.61 64.37 53.91
CA THR B 72 -13.87 63.65 53.83
C THR B 72 -14.14 63.14 52.41
N VAL B 73 -15.04 62.17 52.31
CA VAL B 73 -15.52 61.67 51.01
C VAL B 73 -16.95 62.14 50.83
N PRO B 74 -17.38 62.50 49.60
CA PRO B 74 -16.66 62.41 48.32
C PRO B 74 -15.76 63.61 47.96
N GLN B 75 -14.85 63.39 47.02
CA GLN B 75 -14.04 64.45 46.44
C GLN B 75 -13.94 64.23 44.93
N MET B 76 -14.32 65.25 44.16
CA MET B 76 -14.37 65.19 42.72
C MET B 76 -13.21 66.01 42.16
N PHE B 77 -12.42 65.42 41.26
CA PHE B 77 -11.37 66.12 40.54
C PHE B 77 -11.68 66.10 39.05
N VAL B 78 -11.25 67.15 38.33
CA VAL B 78 -11.36 67.20 36.88
C VAL B 78 -10.03 67.68 36.34
N ARG B 79 -9.27 66.77 35.72
CA ARG B 79 -8.03 67.09 35.02
C ARG B 79 -7.01 67.78 35.93
N GLY B 80 -6.81 67.22 37.13
CA GLY B 80 -5.79 67.69 38.05
C GLY B 80 -6.23 68.78 39.00
N LYS B 81 -7.50 69.17 38.94
CA LYS B 81 -8.05 70.27 39.73
C LYS B 81 -9.17 69.78 40.63
N PHE B 82 -9.15 70.24 41.88
CA PHE B 82 -10.22 69.91 42.83
C PHE B 82 -11.49 70.68 42.46
N ILE B 83 -12.62 69.97 42.38
CA ILE B 83 -13.88 70.60 42.02
C ILE B 83 -14.75 70.86 43.25
N GLY B 84 -14.83 69.91 44.18
CA GLY B 84 -15.53 70.16 45.42
C GLY B 84 -16.03 68.90 46.10
N ASP B 85 -16.63 69.11 47.27
CA ASP B 85 -17.27 68.03 48.00
C ASP B 85 -18.69 67.84 47.44
N SER B 86 -19.51 67.08 48.17
CA SER B 86 -20.87 66.81 47.73
C SER B 86 -21.68 68.09 47.54
N GLN B 87 -21.61 69.00 48.51
CA GLN B 87 -22.40 70.23 48.44
C GLN B 87 -21.93 71.14 47.32
N THR B 88 -20.63 71.19 47.05
CA THR B 88 -20.12 72.07 46.00
C THR B 88 -20.45 71.53 44.62
N VAL B 89 -20.42 70.21 44.45
CA VAL B 89 -20.79 69.62 43.18
C VAL B 89 -22.27 69.80 42.92
N LEU B 90 -23.10 69.71 43.97
CA LEU B 90 -24.54 69.88 43.80
C LEU B 90 -24.91 71.32 43.46
N LYS B 91 -24.17 72.31 43.98
CA LYS B 91 -24.43 73.70 43.60
C LYS B 91 -24.15 73.93 42.12
N TYR B 92 -23.03 73.43 41.62
CA TYR B 92 -22.72 73.52 40.20
C TYR B 92 -23.80 72.86 39.35
N TYR B 93 -24.34 71.73 39.81
CA TYR B 93 -25.41 71.04 39.09
C TYR B 93 -26.66 71.91 39.01
N SER B 94 -27.09 72.43 40.16
CA SER B 94 -28.31 73.24 40.20
C SER B 94 -28.18 74.48 39.34
N ASN B 95 -26.98 75.04 39.24
CA ASN B 95 -26.78 76.31 38.55
C ASN B 95 -26.32 76.13 37.12
N ASP B 96 -26.46 74.91 36.57
CA ASP B 96 -26.12 74.60 35.18
C ASP B 96 -24.68 75.01 34.87
N GLU B 97 -23.79 74.76 35.82
CA GLU B 97 -22.38 75.07 35.69
C GLU B 97 -21.52 73.83 35.53
N LEU B 98 -22.07 72.64 35.77
CA LEU B 98 -21.27 71.43 35.90
C LEU B 98 -20.78 70.92 34.54
N ALA B 99 -21.61 71.05 33.50
CA ALA B 99 -21.19 70.62 32.17
C ALA B 99 -19.98 71.42 31.70
N GLY B 100 -19.95 72.72 32.01
CA GLY B 100 -18.84 73.55 31.55
C GLY B 100 -17.54 73.22 32.24
N ILE B 101 -17.61 72.77 33.51
CA ILE B 101 -16.40 72.48 34.28
C ILE B 101 -15.74 71.20 33.78
N VAL B 102 -16.54 70.15 33.56
CA VAL B 102 -15.97 68.86 33.16
C VAL B 102 -15.39 68.94 31.74
N ASN B 103 -16.03 69.70 30.86
CA ASN B 103 -15.61 69.70 29.46
C ASN B 103 -14.44 70.62 29.18
N GLU B 104 -14.01 71.45 30.14
CA GLU B 104 -13.00 72.46 29.85
C GLU B 104 -11.61 71.87 30.09
N SER B 105 -10.76 72.00 29.08
CA SER B 105 -9.51 71.24 28.99
C SER B 105 -8.46 72.07 28.27
N LYS B 106 -7.19 71.73 28.54
CA LYS B 106 -6.10 72.41 27.87
C LYS B 106 -5.98 72.00 26.41
N TYR B 107 -6.25 70.74 26.10
CA TYR B 107 -6.14 70.28 24.73
C TYR B 107 -7.50 69.82 24.21
N ASP B 108 -7.51 69.49 22.91
CA ASP B 108 -8.74 69.02 22.26
C ASP B 108 -9.22 67.69 22.87
N TYR B 109 -8.30 66.76 23.12
CA TYR B 109 -8.63 65.44 23.65
C TYR B 109 -7.72 65.07 24.81
N ASP B 110 -8.27 64.31 25.75
CA ASP B 110 -7.42 63.70 26.76
C ASP B 110 -6.52 62.63 26.14
N LEU B 111 -7.04 61.91 25.14
CA LEU B 111 -6.29 60.82 24.52
C LEU B 111 -6.44 60.87 23.01
N ILE B 112 -5.33 60.81 22.31
CA ILE B 112 -5.32 60.59 20.86
C ILE B 112 -4.58 59.28 20.61
N VAL B 113 -5.23 58.35 19.92
CA VAL B 113 -4.64 57.08 19.52
C VAL B 113 -4.34 57.11 18.03
N ILE B 114 -3.07 56.90 17.66
CA ILE B 114 -2.70 56.81 16.25
C ILE B 114 -2.62 55.33 15.90
N GLY B 115 -3.65 54.83 15.22
CA GLY B 115 -3.69 53.44 14.81
C GLY B 115 -4.98 52.77 15.23
N GLY B 116 -5.80 52.40 14.27
CA GLY B 116 -7.05 51.75 14.61
C GLY B 116 -7.00 50.23 14.49
N GLY B 117 -5.97 49.60 15.06
CA GLY B 117 -5.81 48.15 15.03
C GLY B 117 -6.12 47.48 16.36
N SER B 118 -5.44 46.36 16.60
CA SER B 118 -5.75 45.54 17.77
C SER B 118 -5.50 46.29 19.07
N GLY B 119 -4.24 46.65 19.31
CA GLY B 119 -3.93 47.44 20.49
C GLY B 119 -4.65 48.77 20.51
N GLY B 120 -4.79 49.40 19.34
CA GLY B 120 -5.23 50.79 19.30
C GLY B 120 -6.70 50.97 19.65
N LEU B 121 -7.57 50.14 19.05
CA LEU B 121 -8.98 50.24 19.42
C LEU B 121 -9.21 49.80 20.86
N ALA B 122 -8.40 48.86 21.35
CA ALA B 122 -8.60 48.38 22.71
C ALA B 122 -8.31 49.48 23.72
N ALA B 123 -7.17 50.19 23.55
CA ALA B 123 -6.87 51.34 24.39
C ALA B 123 -7.99 52.38 24.35
N GLY B 124 -8.50 52.68 23.16
CA GLY B 124 -9.45 53.76 23.02
C GLY B 124 -10.74 53.54 23.80
N LYS B 125 -11.40 52.40 23.58
CA LYS B 125 -12.66 52.13 24.27
C LYS B 125 -12.46 52.17 25.79
N GLU B 126 -11.42 51.49 26.28
CA GLU B 126 -11.18 51.43 27.72
C GLU B 126 -11.01 52.83 28.32
N ALA B 127 -10.17 53.67 27.72
CA ALA B 127 -10.01 55.04 28.20
C ALA B 127 -11.34 55.79 28.26
N ALA B 128 -12.16 55.66 27.22
CA ALA B 128 -13.42 56.37 27.17
C ALA B 128 -14.38 55.95 28.28
N LYS B 129 -14.15 54.80 28.92
CA LYS B 129 -15.04 54.37 29.99
C LYS B 129 -14.86 55.21 31.26
N TYR B 130 -13.76 55.93 31.40
CA TYR B 130 -13.53 56.73 32.60
C TYR B 130 -13.68 58.23 32.34
N GLY B 131 -14.33 58.61 31.25
CA GLY B 131 -14.53 60.01 30.95
C GLY B 131 -13.45 60.65 30.11
N ALA B 132 -12.39 59.92 29.77
CA ALA B 132 -11.38 60.52 28.91
C ALA B 132 -11.98 60.79 27.54
N LYS B 133 -11.64 61.94 26.98
CA LYS B 133 -12.19 62.36 25.69
C LYS B 133 -11.25 61.87 24.61
N THR B 134 -11.68 60.89 23.84
CA THR B 134 -10.78 60.08 23.04
C THR B 134 -11.06 60.22 21.54
N ALA B 135 -9.98 60.33 20.77
CA ALA B 135 -10.00 60.22 19.32
C ALA B 135 -9.14 59.03 18.89
N VAL B 136 -9.65 58.25 17.94
CA VAL B 136 -8.91 57.14 17.35
C VAL B 136 -8.73 57.44 15.87
N LEU B 137 -7.49 57.46 15.42
CA LEU B 137 -7.14 57.74 14.04
C LEU B 137 -6.78 56.41 13.37
N ASP B 138 -7.33 56.15 12.20
CA ASP B 138 -6.92 54.99 11.43
C ASP B 138 -6.86 55.33 9.94
N TYR B 139 -5.94 54.67 9.24
CA TYR B 139 -5.76 54.89 7.80
C TYR B 139 -4.95 53.74 7.26
N VAL B 140 -5.43 53.12 6.19
CA VAL B 140 -4.79 51.96 5.59
C VAL B 140 -4.18 52.41 4.26
N GLU B 141 -2.87 52.55 4.26
CA GLU B 141 -2.13 52.86 3.06
C GLU B 141 -2.18 51.67 2.10
N PRO B 142 -2.52 51.88 0.83
CA PRO B 142 -2.69 50.74 -0.08
C PRO B 142 -1.37 50.03 -0.42
N THR B 143 -1.51 48.74 -0.70
CA THR B 143 -0.40 47.92 -1.14
C THR B 143 0.03 48.32 -2.55
N PRO B 144 1.24 47.89 -3.00
CA PRO B 144 1.72 48.27 -4.34
C PRO B 144 0.79 47.98 -5.50
N ILE B 145 -0.14 47.02 -5.39
CA ILE B 145 -1.14 46.86 -6.46
C ILE B 145 -2.45 47.58 -6.18
N GLY B 146 -2.59 48.25 -5.03
CA GLY B 146 -3.79 49.00 -4.74
C GLY B 146 -4.72 48.44 -3.67
N THR B 147 -4.41 47.28 -3.07
CA THR B 147 -5.32 46.66 -2.10
C THR B 147 -5.55 47.54 -0.86
N THR B 148 -6.81 47.69 -0.49
CA THR B 148 -7.15 48.47 0.69
C THR B 148 -8.28 47.78 1.46
N TRP B 149 -8.41 48.08 2.77
CA TRP B 149 -9.40 47.46 3.65
C TRP B 149 -9.81 48.47 4.74
N GLY B 150 -10.70 48.01 5.65
CA GLY B 150 -11.39 48.86 6.59
C GLY B 150 -10.81 48.83 8.00
N LEU B 151 -11.62 49.32 8.95
CA LEU B 151 -11.14 49.57 10.30
C LEU B 151 -11.05 48.29 11.13
N GLY B 152 -9.99 48.20 11.95
CA GLY B 152 -9.84 47.03 12.80
C GLY B 152 -8.44 46.47 12.83
N GLY B 153 -7.61 46.82 11.85
CA GLY B 153 -6.18 46.54 11.89
C GLY B 153 -5.75 45.37 11.04
N THR B 154 -4.56 44.83 11.40
CA THR B 154 -3.93 43.80 10.59
C THR B 154 -4.52 42.42 10.86
N CYS B 155 -4.77 42.11 12.14
CA CYS B 155 -5.34 40.81 12.47
C CYS B 155 -6.72 40.64 11.85
N VAL B 156 -7.57 41.66 11.99
CA VAL B 156 -8.98 41.61 11.60
C VAL B 156 -9.14 41.48 10.08
N ASN B 157 -8.36 42.26 9.32
CA ASN B 157 -8.52 42.37 7.87
C ASN B 157 -7.56 41.51 7.05
N VAL B 158 -6.33 41.24 7.51
CA VAL B 158 -5.37 40.50 6.68
C VAL B 158 -4.37 39.67 7.50
N GLY B 159 -4.80 39.17 8.66
CA GLY B 159 -3.93 38.42 9.54
C GLY B 159 -4.66 37.25 10.20
N CYS B 160 -4.78 37.23 11.53
CA CYS B 160 -5.30 36.05 12.23
C CYS B 160 -6.66 35.61 11.68
N ILE B 161 -7.62 36.54 11.60
CA ILE B 161 -9.02 36.21 11.27
C ILE B 161 -9.14 35.61 9.88
N PRO B 162 -8.68 36.27 8.80
CA PRO B 162 -8.85 35.63 7.48
C PRO B 162 -8.01 34.38 7.31
N LYS B 163 -6.77 34.37 7.82
CA LYS B 163 -5.93 33.20 7.58
C LYS B 163 -6.49 31.96 8.25
N LYS B 164 -7.08 32.11 9.45
CA LYS B 164 -7.57 30.93 10.17
C LYS B 164 -8.82 30.36 9.51
N LEU B 165 -9.72 31.23 9.02
CA LEU B 165 -10.86 30.75 8.24
C LEU B 165 -10.40 29.98 7.02
N MET B 166 -9.30 30.41 6.39
CA MET B 166 -8.77 29.67 5.24
C MET B 166 -8.05 28.39 5.66
N HIS B 167 -7.47 28.39 6.85
CA HIS B 167 -7.06 27.14 7.48
C HIS B 167 -8.25 26.18 7.57
N GLN B 168 -9.40 26.68 8.04
CA GLN B 168 -10.54 25.82 8.34
C GLN B 168 -11.17 25.25 7.06
N ALA B 169 -11.32 26.07 6.02
CA ALA B 169 -11.67 25.53 4.71
C ALA B 169 -10.70 24.41 4.30
N GLY B 170 -9.41 24.55 4.63
CA GLY B 170 -8.44 23.53 4.29
C GLY B 170 -8.55 22.29 5.17
N LEU B 171 -8.84 22.47 6.46
CA LEU B 171 -9.04 21.32 7.33
C LEU B 171 -10.26 20.52 6.90
N LEU B 172 -11.35 21.20 6.55
CA LEU B 172 -12.57 20.52 6.12
C LEU B 172 -12.34 19.52 5.01
N SER B 173 -11.25 19.64 4.26
CA SER B 173 -11.00 18.68 3.19
C SER B 173 -10.68 17.30 3.76
N HIS B 174 -9.91 17.26 4.83
CA HIS B 174 -9.62 16.00 5.48
C HIS B 174 -10.85 15.44 6.19
N ALA B 175 -11.79 16.30 6.57
CA ALA B 175 -13.05 15.81 7.11
C ALA B 175 -13.86 15.05 6.06
N LEU B 176 -13.86 15.51 4.80
CA LEU B 176 -14.50 14.75 3.72
C LEU B 176 -13.71 13.50 3.35
N GLU B 177 -12.37 13.56 3.45
CA GLU B 177 -11.59 12.34 3.32
C GLU B 177 -12.02 11.34 4.38
N ASP B 178 -12.11 11.79 5.63
CA ASP B 178 -12.40 10.92 6.77
C ASP B 178 -13.83 10.37 6.74
N ALA B 179 -14.79 11.14 6.21
CA ALA B 179 -16.19 10.80 6.37
C ALA B 179 -16.52 9.43 5.79
N GLU B 180 -15.85 9.04 4.69
CA GLU B 180 -16.10 7.74 4.08
C GLU B 180 -15.77 6.60 5.06
N HIS B 181 -14.60 6.66 5.69
CA HIS B 181 -14.21 5.61 6.62
C HIS B 181 -15.15 5.49 7.81
N PHE B 182 -15.77 6.60 8.23
CA PHE B 182 -16.73 6.59 9.34
C PHE B 182 -18.15 6.25 8.88
N GLY B 183 -18.36 6.04 7.58
CA GLY B 183 -19.61 5.47 7.09
C GLY B 183 -20.42 6.36 6.18
N TRP B 184 -20.02 7.59 5.87
CA TRP B 184 -20.80 8.41 4.97
C TRP B 184 -20.50 8.07 3.50
N SER B 185 -21.49 8.30 2.64
CA SER B 185 -21.54 7.81 1.27
C SER B 185 -20.99 8.78 0.23
N LEU B 186 -20.40 9.90 0.66
CA LEU B 186 -19.75 10.80 -0.28
C LEU B 186 -18.46 10.17 -0.83
N ASP B 187 -18.04 10.67 -1.98
CA ASP B 187 -16.78 10.24 -2.59
C ASP B 187 -15.94 11.49 -2.81
N ARG B 188 -14.95 11.69 -1.92
CA ARG B 188 -14.16 12.93 -1.92
C ARG B 188 -13.48 13.18 -3.26
N SER B 189 -13.20 12.12 -4.01
CA SER B 189 -12.56 12.22 -5.32
C SER B 189 -13.31 13.12 -6.30
N LYS B 190 -14.63 13.19 -6.20
CA LYS B 190 -15.44 13.93 -7.16
C LYS B 190 -15.92 15.27 -6.62
N ILE B 191 -15.20 15.87 -5.68
CA ILE B 191 -15.55 17.16 -5.08
C ILE B 191 -14.38 18.11 -5.30
N SER B 192 -14.69 19.34 -5.72
CA SER B 192 -13.69 20.37 -6.02
C SER B 192 -13.91 21.58 -5.13
N HIS B 193 -13.01 22.56 -5.22
CA HIS B 193 -13.09 23.75 -4.38
C HIS B 193 -13.17 25.03 -5.21
N ASN B 194 -14.03 25.97 -4.77
CA ASN B 194 -14.26 27.27 -5.41
C ASN B 194 -13.67 28.37 -4.53
N TRP B 195 -12.56 28.95 -5.00
CA TRP B 195 -11.85 29.96 -4.23
C TRP B 195 -12.69 31.23 -4.06
N SER B 196 -13.37 31.67 -5.12
CA SER B 196 -14.09 32.94 -5.05
C SER B 196 -15.25 32.86 -4.06
N THR B 197 -15.92 31.70 -4.00
CA THR B 197 -16.98 31.51 -3.00
C THR B 197 -16.46 31.67 -1.59
N MET B 198 -15.35 30.99 -1.27
CA MET B 198 -14.74 31.10 0.04
C MET B 198 -14.29 32.53 0.35
N VAL B 199 -13.69 33.21 -0.63
CA VAL B 199 -13.21 34.57 -0.42
C VAL B 199 -14.37 35.50 -0.13
N GLU B 200 -15.55 35.22 -0.71
CA GLU B 200 -16.70 36.08 -0.44
C GLU B 200 -17.21 35.91 0.98
N GLY B 201 -17.16 34.69 1.52
CA GLY B 201 -17.62 34.48 2.88
C GLY B 201 -16.66 35.05 3.91
N VAL B 202 -15.36 34.82 3.73
CA VAL B 202 -14.36 35.47 4.57
C VAL B 202 -14.53 36.99 4.53
N GLN B 203 -14.81 37.55 3.35
CA GLN B 203 -14.88 39.01 3.27
C GLN B 203 -16.17 39.53 3.87
N SER B 204 -17.27 38.79 3.70
CA SER B 204 -18.52 39.19 4.30
C SER B 204 -18.40 39.23 5.82
N HIS B 205 -17.62 38.30 6.40
CA HIS B 205 -17.41 38.36 7.84
C HIS B 205 -16.45 39.50 8.24
N ILE B 206 -15.38 39.71 7.47
CA ILE B 206 -14.50 40.84 7.78
C ILE B 206 -15.30 42.14 7.77
N GLY B 207 -16.26 42.25 6.87
CA GLY B 207 -17.08 43.45 6.79
C GLY B 207 -17.96 43.64 8.01
N SER B 208 -18.42 42.55 8.62
CA SER B 208 -19.20 42.67 9.84
C SER B 208 -18.35 43.16 11.02
N LEU B 209 -17.04 42.88 11.02
CA LEU B 209 -16.18 43.37 12.11
C LEU B 209 -15.79 44.83 11.90
N ASN B 210 -15.52 45.24 10.65
CA ASN B 210 -15.29 46.66 10.39
C ASN B 210 -16.45 47.48 10.93
N TRP B 211 -17.67 47.05 10.59
CA TRP B 211 -18.85 47.80 11.00
C TRP B 211 -19.00 47.76 12.51
N GLY B 212 -18.81 46.59 13.12
CA GLY B 212 -18.93 46.47 14.57
C GLY B 212 -17.97 47.38 15.32
N TYR B 213 -16.80 47.65 14.74
CA TYR B 213 -15.83 48.52 15.42
C TYR B 213 -16.27 49.98 15.36
N LYS B 214 -16.89 50.39 14.26
CA LYS B 214 -17.40 51.74 14.19
C LYS B 214 -18.57 51.95 15.16
N VAL B 215 -19.49 50.97 15.23
CA VAL B 215 -20.59 51.05 16.19
C VAL B 215 -20.05 51.13 17.61
N ALA B 216 -19.09 50.26 17.94
CA ALA B 216 -18.49 50.31 19.28
C ALA B 216 -17.92 51.68 19.59
N LEU B 217 -17.12 52.25 18.68
CA LEU B 217 -16.48 53.54 18.96
C LEU B 217 -17.54 54.62 19.17
N ARG B 218 -18.63 54.54 18.41
CA ARG B 218 -19.68 55.56 18.52
C ARG B 218 -20.39 55.46 19.87
N ASP B 219 -20.70 54.25 20.33
CA ASP B 219 -21.44 54.09 21.58
C ASP B 219 -20.58 54.29 22.83
N ASN B 220 -19.26 54.43 22.69
CA ASN B 220 -18.43 54.88 23.79
C ASN B 220 -18.10 56.37 23.69
N GLN B 221 -18.73 57.09 22.76
CA GLN B 221 -18.46 58.52 22.51
C GLN B 221 -16.98 58.75 22.16
N VAL B 222 -16.44 57.90 21.31
CA VAL B 222 -15.09 58.08 20.77
C VAL B 222 -15.20 58.67 19.37
N THR B 223 -14.41 59.72 19.11
CA THR B 223 -14.32 60.28 17.77
C THR B 223 -13.45 59.38 16.90
N TYR B 224 -13.99 58.97 15.75
CA TYR B 224 -13.23 58.17 14.78
C TYR B 224 -12.96 58.99 13.52
N LEU B 225 -11.68 59.26 13.25
CA LEU B 225 -11.27 59.97 12.06
C LEU B 225 -10.46 59.02 11.16
N ASN B 226 -11.01 58.72 9.98
CA ASN B 226 -10.27 57.96 8.97
C ASN B 226 -9.28 58.92 8.32
N ALA B 227 -8.12 59.08 8.95
CA ALA B 227 -7.09 60.02 8.51
C ALA B 227 -5.71 59.51 8.88
N LYS B 228 -4.70 59.98 8.15
CA LYS B 228 -3.31 59.66 8.44
C LYS B 228 -2.77 60.64 9.46
N GLY B 229 -2.20 60.14 10.55
CA GLY B 229 -1.74 60.96 11.66
C GLY B 229 -0.23 61.03 11.73
N ARG B 230 0.29 62.21 12.09
CA ARG B 230 1.71 62.45 12.28
C ARG B 230 1.91 63.28 13.54
N LEU B 231 2.77 62.79 14.43
CA LEU B 231 3.01 63.51 15.68
C LEU B 231 4.16 64.49 15.45
N ILE B 232 3.82 65.79 15.38
CA ILE B 232 4.82 66.82 15.08
C ILE B 232 5.43 67.44 16.33
N SER B 233 4.75 67.39 17.47
CA SER B 233 5.28 67.86 18.73
C SER B 233 4.66 67.01 19.83
N PRO B 234 5.19 67.10 21.07
CA PRO B 234 4.65 66.24 22.15
C PRO B 234 3.14 66.19 22.27
N HIS B 235 2.44 67.28 21.94
CA HIS B 235 0.99 67.36 22.09
C HIS B 235 0.25 67.65 20.79
N GLU B 236 0.93 67.66 19.65
CA GLU B 236 0.33 68.07 18.38
C GLU B 236 0.37 66.93 17.38
N VAL B 237 -0.80 66.59 16.86
CA VAL B 237 -0.95 65.57 15.83
C VAL B 237 -1.53 66.24 14.59
N GLN B 238 -0.85 66.10 13.47
CA GLN B 238 -1.33 66.63 12.20
C GLN B 238 -2.02 65.53 11.41
N ILE B 239 -3.24 65.80 10.93
CA ILE B 239 -4.07 64.81 10.26
C ILE B 239 -4.33 65.26 8.82
N THR B 240 -4.24 64.31 7.90
CA THR B 240 -4.57 64.50 6.49
C THR B 240 -5.75 63.57 6.16
N ASP B 241 -6.88 64.16 5.79
CA ASP B 241 -8.10 63.37 5.58
C ASP B 241 -8.12 62.82 4.15
N LYS B 242 -9.25 62.24 3.74
CA LYS B 242 -9.32 61.58 2.44
C LYS B 242 -9.49 62.53 1.26
N ASN B 243 -9.63 63.84 1.47
CA ASN B 243 -9.45 64.81 0.39
C ASN B 243 -8.06 65.45 0.43
N GLN B 244 -7.18 64.98 1.31
CA GLN B 244 -5.88 65.60 1.58
C GLN B 244 -6.03 66.98 2.22
N LYS B 245 -7.08 67.17 3.02
CA LYS B 245 -7.19 68.35 3.87
C LYS B 245 -6.36 68.16 5.13
N VAL B 246 -5.36 69.04 5.35
CA VAL B 246 -4.45 68.95 6.49
C VAL B 246 -4.95 69.83 7.62
N SER B 247 -4.79 69.37 8.86
CA SER B 247 -5.15 70.15 10.04
C SER B 247 -4.36 69.61 11.24
N THR B 248 -4.58 70.21 12.41
CA THR B 248 -3.82 69.85 13.60
C THR B 248 -4.74 69.76 14.82
N ILE B 249 -4.63 68.66 15.56
CA ILE B 249 -5.35 68.50 16.82
C ILE B 249 -4.35 68.34 17.95
N THR B 250 -4.79 68.65 19.16
CA THR B 250 -3.95 68.55 20.34
C THR B 250 -4.53 67.53 21.32
N GLY B 251 -3.62 66.85 22.01
CA GLY B 251 -4.04 65.85 22.98
C GLY B 251 -3.09 65.83 24.15
N ASN B 252 -3.61 65.43 25.31
CA ASN B 252 -2.77 65.34 26.51
C ASN B 252 -1.86 64.11 26.46
N LYS B 253 -2.45 62.92 26.52
CA LYS B 253 -1.71 61.70 26.31
C LYS B 253 -1.80 61.26 24.84
N ILE B 254 -0.76 60.57 24.39
CA ILE B 254 -0.66 60.13 23.00
C ILE B 254 -0.23 58.67 23.02
N ILE B 255 -0.94 57.81 22.29
CA ILE B 255 -0.59 56.40 22.19
C ILE B 255 -0.33 56.09 20.72
N LEU B 256 0.83 55.54 20.43
CA LEU B 256 1.16 55.11 19.08
C LEU B 256 0.90 53.62 18.98
N ALA B 257 0.03 53.22 18.05
CA ALA B 257 -0.33 51.82 17.81
C ALA B 257 -0.49 51.53 16.30
N THR B 258 0.54 51.86 15.50
CA THR B 258 0.44 51.80 14.05
C THR B 258 0.92 50.48 13.43
N GLY B 259 1.44 49.53 14.20
CA GLY B 259 1.67 48.22 13.61
C GLY B 259 2.77 48.19 12.54
N GLU B 260 2.69 47.18 11.66
CA GLU B 260 3.74 46.90 10.68
C GLU B 260 3.11 46.58 9.34
N ARG B 261 3.96 46.34 8.34
CA ARG B 261 3.55 46.00 6.98
C ARG B 261 4.61 45.10 6.38
N PRO B 262 4.25 44.26 5.41
CA PRO B 262 5.22 43.31 4.84
C PRO B 262 6.39 43.95 4.12
N LYS B 263 7.53 43.26 4.17
CA LYS B 263 8.75 43.62 3.46
C LYS B 263 8.79 42.96 2.08
N TYR B 264 9.49 43.63 1.13
CA TYR B 264 9.90 42.99 -0.11
C TYR B 264 11.42 42.85 -0.16
N PRO B 265 11.95 41.83 -0.81
CA PRO B 265 13.39 41.77 -1.04
C PRO B 265 13.79 42.72 -2.18
N GLU B 266 15.04 43.20 -2.12
CA GLU B 266 15.54 44.18 -3.09
C GLU B 266 16.06 43.44 -4.32
N ILE B 267 15.13 43.01 -5.17
CA ILE B 267 15.42 42.27 -6.41
C ILE B 267 14.43 42.72 -7.48
N PRO B 268 14.78 42.56 -8.75
CA PRO B 268 13.92 43.09 -9.82
C PRO B 268 12.67 42.25 -9.97
N GLY B 269 11.52 42.94 -10.16
CA GLY B 269 10.25 42.30 -10.39
C GLY B 269 9.39 42.11 -9.16
N ALA B 270 9.99 42.10 -7.97
CA ALA B 270 9.28 41.70 -6.75
C ALA B 270 8.06 42.58 -6.51
N VAL B 271 8.29 43.88 -6.39
CA VAL B 271 7.20 44.82 -6.11
C VAL B 271 6.22 44.87 -7.26
N GLU B 272 6.70 44.68 -8.49
CA GLU B 272 5.88 44.82 -9.69
C GLU B 272 4.97 43.62 -9.89
N TYR B 273 5.51 42.40 -9.73
CA TYR B 273 4.80 41.19 -10.15
C TYR B 273 4.40 40.24 -9.02
N GLY B 274 4.85 40.46 -7.78
CA GLY B 274 4.53 39.59 -6.66
C GLY B 274 3.43 40.16 -5.78
N ILE B 275 3.09 39.39 -4.73
CA ILE B 275 2.08 39.82 -3.76
C ILE B 275 2.48 39.34 -2.36
N THR B 276 1.82 39.92 -1.34
CA THR B 276 2.03 39.52 0.05
C THR B 276 0.70 39.10 0.70
N SER B 277 0.74 38.83 2.00
CA SER B 277 -0.50 38.44 2.68
C SER B 277 -1.54 39.55 2.63
N ASP B 278 -1.08 40.80 2.59
CA ASP B 278 -1.99 41.95 2.53
C ASP B 278 -2.98 41.82 1.38
N ASP B 279 -2.52 41.27 0.24
CA ASP B 279 -3.32 41.01 -0.94
C ASP B 279 -4.01 39.64 -0.92
N LEU B 280 -3.43 38.64 -0.25
CA LEU B 280 -3.88 37.27 -0.49
C LEU B 280 -5.35 37.10 -0.11
N PHE B 281 -5.79 37.78 0.97
CA PHE B 281 -7.07 37.48 1.60
C PHE B 281 -8.29 38.10 0.90
N SER B 282 -8.10 38.93 -0.12
CA SER B 282 -9.19 39.37 -0.98
C SER B 282 -8.84 39.15 -2.46
N LEU B 283 -8.00 38.20 -2.77
CA LEU B 283 -7.62 37.92 -4.14
C LEU B 283 -8.84 37.46 -4.92
N PRO B 284 -9.16 38.08 -6.07
CA PRO B 284 -10.38 37.70 -6.81
C PRO B 284 -10.26 36.40 -7.58
N TYR B 285 -9.06 35.84 -7.73
CA TYR B 285 -8.85 34.65 -8.55
C TYR B 285 -7.99 33.67 -7.76
N PHE B 286 -8.21 32.37 -7.97
CA PHE B 286 -7.36 31.37 -7.30
C PHE B 286 -5.91 31.60 -7.68
N PRO B 287 -4.98 31.61 -6.71
CA PRO B 287 -3.57 31.86 -7.04
C PRO B 287 -2.99 30.91 -8.07
N GLY B 288 -3.46 29.66 -8.12
CA GLY B 288 -2.93 28.70 -9.07
C GLY B 288 -1.62 28.12 -8.55
N LYS B 289 -0.81 27.60 -9.47
CA LYS B 289 0.54 27.19 -9.09
C LYS B 289 1.27 28.37 -8.44
N THR B 290 1.66 28.19 -7.18
CA THR B 290 2.18 29.27 -6.34
C THR B 290 3.58 28.97 -5.81
N LEU B 291 4.42 30.01 -5.74
CA LEU B 291 5.72 29.96 -5.06
C LEU B 291 5.71 30.94 -3.88
N VAL B 292 5.88 30.41 -2.66
CA VAL B 292 5.94 31.21 -1.43
C VAL B 292 7.40 31.34 -1.03
N ILE B 293 7.90 32.57 -0.95
CA ILE B 293 9.29 32.83 -0.58
C ILE B 293 9.34 33.24 0.89
N GLY B 294 10.12 32.52 1.69
CA GLY B 294 10.18 32.75 3.13
C GLY B 294 9.85 31.48 3.90
N ALA B 295 10.09 31.55 5.22
CA ALA B 295 9.93 30.36 6.04
C ALA B 295 9.39 30.66 7.44
N SER B 296 8.86 31.86 7.64
CA SER B 296 8.17 32.24 8.86
C SER B 296 6.84 31.50 9.01
N TYR B 297 6.16 31.74 10.13
CA TYR B 297 4.86 31.11 10.33
C TYR B 297 3.82 31.64 9.35
N VAL B 298 4.01 32.85 8.82
CA VAL B 298 3.09 33.31 7.78
C VAL B 298 3.30 32.50 6.50
N ALA B 299 4.55 32.22 6.14
CA ALA B 299 4.82 31.48 4.91
C ALA B 299 4.29 30.05 5.00
N LEU B 300 4.64 29.34 6.08
CA LEU B 300 4.18 27.95 6.22
C LEU B 300 2.66 27.87 6.32
N GLU B 301 2.04 28.75 7.12
CA GLU B 301 0.60 28.75 7.28
C GLU B 301 -0.10 28.97 5.94
N CYS B 302 0.35 29.98 5.17
CA CYS B 302 -0.26 30.28 3.88
C CYS B 302 0.00 29.18 2.85
N ALA B 303 1.22 28.67 2.81
CA ALA B 303 1.49 27.53 1.95
C ALA B 303 0.61 26.34 2.31
N GLY B 304 0.23 26.24 3.59
CA GLY B 304 -0.48 25.05 4.06
C GLY B 304 -1.90 24.96 3.55
N PHE B 305 -2.66 26.06 3.63
CA PHE B 305 -4.05 25.95 3.20
C PHE B 305 -4.18 25.95 1.67
N LEU B 306 -3.28 26.61 0.95
CA LEU B 306 -3.34 26.57 -0.51
C LEU B 306 -3.18 25.14 -1.04
N ALA B 307 -2.22 24.39 -0.50
CA ALA B 307 -2.09 22.99 -0.89
C ALA B 307 -3.36 22.20 -0.56
N SER B 308 -3.96 22.45 0.60
CA SER B 308 -5.16 21.70 0.99
C SER B 308 -6.39 22.07 0.17
N LEU B 309 -6.44 23.26 -0.43
CA LEU B 309 -7.47 23.59 -1.40
C LEU B 309 -7.09 23.23 -2.84
N GLY B 310 -6.08 22.37 -3.02
CA GLY B 310 -5.73 21.89 -4.34
C GLY B 310 -4.72 22.74 -5.09
N GLY B 311 -3.95 23.56 -4.39
CA GLY B 311 -2.89 24.29 -5.06
C GLY B 311 -1.64 23.45 -5.24
N ASP B 312 -0.91 23.76 -6.32
CA ASP B 312 0.44 23.26 -6.56
C ASP B 312 1.37 24.27 -5.93
N VAL B 313 1.92 23.95 -4.76
CA VAL B 313 2.59 24.92 -3.89
C VAL B 313 4.05 24.53 -3.72
N THR B 314 4.95 25.53 -3.78
CA THR B 314 6.36 25.38 -3.44
C THR B 314 6.79 26.49 -2.51
N VAL B 315 7.58 26.15 -1.48
CA VAL B 315 8.14 27.11 -0.53
C VAL B 315 9.64 27.16 -0.72
N MET B 316 10.20 28.36 -0.85
CA MET B 316 11.64 28.50 -1.06
C MET B 316 12.25 28.96 0.26
N VAL B 317 13.21 28.19 0.77
CA VAL B 317 13.70 28.35 2.14
C VAL B 317 15.16 28.81 2.09
N ARG B 318 15.43 29.98 2.65
CA ARG B 318 16.80 30.46 2.69
C ARG B 318 17.69 29.52 3.51
N SER B 319 17.40 29.38 4.82
CA SER B 319 18.14 28.44 5.68
C SER B 319 17.24 27.46 6.42
N ILE B 320 16.46 27.93 7.40
CA ILE B 320 15.68 27.06 8.27
C ILE B 320 14.21 27.50 8.32
N LEU B 321 13.37 26.60 8.82
CA LEU B 321 11.97 26.93 9.07
C LEU B 321 11.81 27.49 10.48
N LEU B 322 10.96 28.51 10.60
CA LEU B 322 10.56 29.05 11.91
C LEU B 322 11.78 29.35 12.77
N ARG B 323 12.68 30.18 12.22
CA ARG B 323 13.80 30.69 13.01
C ARG B 323 13.29 31.29 14.31
N GLY B 324 13.91 30.90 15.43
CA GLY B 324 13.48 31.36 16.74
C GLY B 324 12.46 30.50 17.45
N PHE B 325 11.89 29.50 16.77
CA PHE B 325 11.12 28.46 17.44
C PHE B 325 12.00 27.24 17.69
N ASP B 326 11.60 26.43 18.67
CA ASP B 326 12.18 25.10 18.91
C ASP B 326 12.39 24.35 17.60
N GLN B 327 13.64 23.97 17.30
CA GLN B 327 13.92 23.50 15.95
C GLN B 327 13.54 22.04 15.73
N GLN B 328 13.49 21.20 16.77
CA GLN B 328 12.94 19.85 16.60
C GLN B 328 11.51 19.95 16.11
N MET B 329 10.69 20.71 16.83
CA MET B 329 9.30 20.93 16.46
C MET B 329 9.16 21.56 15.07
N ALA B 330 9.90 22.65 14.81
CA ALA B 330 9.88 23.26 13.48
C ALA B 330 10.03 22.20 12.39
N GLU B 331 11.04 21.33 12.53
CA GLU B 331 11.29 20.30 11.52
C GLU B 331 10.12 19.32 11.41
N LYS B 332 9.58 18.85 12.54
CA LYS B 332 8.43 17.95 12.43
C LYS B 332 7.28 18.63 11.71
N VAL B 333 7.06 19.93 11.97
CA VAL B 333 6.02 20.66 11.24
C VAL B 333 6.28 20.58 9.74
N GLY B 334 7.53 20.73 9.32
CA GLY B 334 7.85 20.74 7.90
C GLY B 334 7.85 19.37 7.25
N ASP B 335 8.31 18.35 7.98
CA ASP B 335 8.21 16.99 7.45
C ASP B 335 6.76 16.62 7.19
N TYR B 336 5.84 17.04 8.06
CA TYR B 336 4.44 16.75 7.83
C TYR B 336 3.94 17.41 6.54
N MET B 337 4.37 18.65 6.30
CA MET B 337 3.94 19.36 5.10
C MET B 337 4.49 18.69 3.85
N GLU B 338 5.78 18.35 3.86
CA GLU B 338 6.41 17.71 2.70
C GLU B 338 5.76 16.37 2.41
N ASN B 339 5.32 15.68 3.46
CA ASN B 339 4.69 14.40 3.23
C ASN B 339 3.27 14.54 2.75
N HIS B 340 2.64 15.70 2.96
CA HIS B 340 1.23 15.90 2.62
C HIS B 340 1.00 16.99 1.59
N GLY B 341 1.90 17.12 0.61
CA GLY B 341 1.60 17.90 -0.59
C GLY B 341 2.42 19.16 -0.82
N VAL B 342 3.11 19.68 0.15
CA VAL B 342 3.88 20.89 -0.04
C VAL B 342 5.27 20.52 -0.49
N LYS B 343 5.81 21.27 -1.44
CA LYS B 343 7.15 21.04 -1.95
C LYS B 343 8.12 22.11 -1.45
N PHE B 344 9.34 21.70 -1.12
CA PHE B 344 10.31 22.64 -0.57
C PHE B 344 11.54 22.73 -1.45
N ALA B 345 11.95 23.94 -1.77
CA ALA B 345 13.23 24.23 -2.41
C ALA B 345 14.13 24.78 -1.32
N LYS B 346 15.07 23.97 -0.85
CA LYS B 346 15.79 24.24 0.39
C LYS B 346 17.14 24.88 0.10
N LEU B 347 17.61 25.72 1.02
CA LEU B 347 18.87 26.46 0.88
C LEU B 347 18.96 27.14 -0.48
N CYS B 348 18.09 28.15 -0.65
CA CYS B 348 17.78 28.72 -1.96
C CYS B 348 17.23 30.13 -1.73
N VAL B 349 17.57 31.05 -2.63
CA VAL B 349 17.08 32.42 -2.56
C VAL B 349 16.65 32.86 -3.96
N PRO B 350 15.81 33.90 -4.04
CA PRO B 350 15.40 34.41 -5.35
C PRO B 350 16.33 35.49 -5.89
N ASP B 351 16.38 35.55 -7.22
CA ASP B 351 17.08 36.60 -7.96
C ASP B 351 16.16 37.44 -8.86
N ILE B 353 12.48 37.63 -10.70
CA ILE B 353 11.08 37.58 -11.08
C ILE B 353 10.75 38.30 -12.40
N LYS B 354 10.53 37.54 -13.49
CA LYS B 354 10.18 38.07 -14.80
C LYS B 354 8.72 37.77 -15.10
N GLN B 355 8.05 38.71 -15.77
CA GLN B 355 6.64 38.56 -16.10
C GLN B 355 6.47 38.00 -17.50
N LEU B 356 5.74 36.90 -17.64
CA LEU B 356 5.44 36.34 -18.95
C LEU B 356 4.01 36.60 -19.40
N LYS B 357 3.06 36.72 -18.48
CA LYS B 357 1.67 37.05 -18.77
C LYS B 357 1.15 38.00 -17.69
N VAL B 358 0.34 38.96 -18.10
CA VAL B 358 -0.25 39.91 -17.16
C VAL B 358 -1.47 39.26 -16.54
N VAL B 359 -1.78 39.66 -15.29
CA VAL B 359 -3.02 39.23 -14.67
C VAL B 359 -4.19 39.56 -15.58
N ASP B 360 -5.09 38.60 -15.75
CA ASP B 360 -6.28 38.75 -16.59
C ASP B 360 -7.41 39.22 -15.68
N THR B 361 -7.54 40.54 -15.56
CA THR B 361 -8.47 41.11 -14.59
C THR B 361 -9.93 40.90 -15.00
N GLU B 362 -10.23 40.91 -16.30
CA GLU B 362 -11.61 40.71 -16.75
C GLU B 362 -12.08 39.29 -16.46
N ASN B 363 -11.36 38.29 -16.98
CA ASN B 363 -11.73 36.88 -16.90
C ASN B 363 -11.45 36.26 -15.54
N ASN B 364 -10.64 36.91 -14.68
CA ASN B 364 -10.42 36.48 -13.29
C ASN B 364 -9.50 35.25 -13.24
N LYS B 365 -8.37 35.37 -13.91
CA LYS B 365 -7.33 34.35 -14.02
C LYS B 365 -5.99 34.96 -13.66
N PRO B 366 -5.09 34.19 -13.03
CA PRO B 366 -3.78 34.74 -12.69
C PRO B 366 -2.98 34.98 -13.95
N GLY B 367 -1.80 35.60 -13.77
CA GLY B 367 -0.84 35.74 -14.83
C GLY B 367 0.09 34.54 -14.93
N LEU B 368 1.27 34.79 -15.48
CA LEU B 368 2.35 33.80 -15.48
C LEU B 368 3.67 34.52 -15.27
N LEU B 369 4.51 33.94 -14.41
CA LEU B 369 5.77 34.54 -14.01
C LEU B 369 6.91 33.54 -14.12
N LEU B 370 8.13 34.05 -14.33
CA LEU B 370 9.34 33.23 -14.35
C LEU B 370 10.24 33.65 -13.18
N VAL B 371 10.57 32.69 -12.30
CA VAL B 371 11.41 32.94 -11.13
C VAL B 371 12.79 32.39 -11.40
N LYS B 372 13.81 33.25 -11.24
CA LYS B 372 15.20 32.86 -11.31
C LYS B 372 15.83 33.03 -9.93
N GLY B 373 16.60 32.03 -9.50
CA GLY B 373 17.35 32.12 -8.27
C GLY B 373 18.47 31.10 -8.31
N HIS B 374 19.14 30.96 -7.17
CA HIS B 374 20.30 30.08 -7.06
C HIS B 374 20.36 29.47 -5.66
N TYR B 375 20.83 28.24 -5.59
CA TYR B 375 21.00 27.51 -4.33
C TYR B 375 22.33 27.87 -3.67
N THR B 376 22.44 27.47 -2.40
CA THR B 376 23.55 27.93 -1.56
C THR B 376 24.90 27.43 -2.08
N ASP B 377 24.94 26.27 -2.73
CA ASP B 377 26.21 25.73 -3.22
C ASP B 377 26.67 26.46 -4.48
N GLY B 378 25.75 26.70 -5.42
CA GLY B 378 26.04 27.38 -6.67
C GLY B 378 24.98 27.13 -7.74
N LYS B 379 24.34 25.96 -7.68
CA LYS B 379 23.35 25.54 -8.67
C LYS B 379 22.24 26.57 -8.87
N LYS B 380 21.52 26.50 -9.97
CA LYS B 380 20.67 27.58 -10.41
C LYS B 380 19.21 27.15 -10.34
N PHE B 381 18.35 28.01 -9.82
CA PHE B 381 16.91 27.78 -9.74
C PHE B 381 16.20 28.49 -10.88
N GLU B 382 15.25 27.82 -11.52
CA GLU B 382 14.47 28.46 -12.57
C GLU B 382 13.19 27.66 -12.80
N GLU B 383 12.03 28.28 -12.57
CA GLU B 383 10.74 27.61 -12.69
C GLU B 383 9.65 28.64 -12.89
N GLU B 384 8.56 28.22 -13.52
CA GLU B 384 7.43 29.12 -13.73
C GLU B 384 6.36 28.91 -12.65
N PHE B 385 5.70 30.02 -12.29
CA PHE B 385 4.65 30.04 -11.28
C PHE B 385 3.58 31.05 -11.69
N GLU B 386 2.34 30.78 -11.28
CA GLU B 386 1.27 31.68 -11.66
C GLU B 386 1.14 32.86 -10.70
N THR B 387 1.41 32.62 -9.42
CA THR B 387 1.40 33.62 -8.35
C THR B 387 2.66 33.46 -7.51
N VAL B 388 3.23 34.57 -7.06
CA VAL B 388 4.41 34.56 -6.20
C VAL B 388 4.13 35.39 -4.95
N ILE B 389 4.16 34.75 -3.77
CA ILE B 389 3.92 35.41 -2.49
C ILE B 389 5.23 35.58 -1.74
N PHE B 390 5.52 36.81 -1.30
CA PHE B 390 6.65 37.09 -0.43
C PHE B 390 6.22 37.11 1.04
N ALA B 391 6.91 36.35 1.86
CA ALA B 391 6.68 36.35 3.32
C ALA B 391 8.06 36.35 4.00
N VAL B 392 8.74 37.49 3.95
CA VAL B 392 10.11 37.60 4.44
C VAL B 392 10.20 38.56 5.61
N GLY B 393 9.10 38.77 6.30
CA GLY B 393 9.08 39.56 7.51
C GLY B 393 8.32 40.87 7.31
N ARG B 394 8.02 41.50 8.44
CA ARG B 394 7.33 42.77 8.45
C ARG B 394 8.17 43.79 9.21
N GLU B 395 7.85 45.07 9.00
CA GLU B 395 8.57 46.17 9.61
C GLU B 395 7.64 47.35 9.79
N PRO B 396 7.95 48.26 10.71
CA PRO B 396 7.23 49.53 10.77
C PRO B 396 7.95 50.55 9.91
N GLN B 397 7.30 51.69 9.73
CA GLN B 397 7.99 52.85 9.16
C GLN B 397 7.52 54.06 9.97
N LEU B 398 8.14 54.24 11.13
CA LEU B 398 7.73 55.31 12.03
C LEU B 398 8.03 56.68 11.45
N SER B 399 9.01 56.78 10.54
CA SER B 399 9.26 58.03 9.84
C SER B 399 7.99 58.60 9.22
N LYS B 400 7.05 57.72 8.83
CA LYS B 400 5.72 58.16 8.39
C LYS B 400 4.93 58.76 9.54
N VAL B 401 5.08 58.20 10.73
CA VAL B 401 4.20 58.51 11.83
C VAL B 401 4.73 59.63 12.71
N LEU B 402 6.05 59.74 12.82
CA LEU B 402 6.70 60.44 13.92
C LEU B 402 7.79 61.36 13.39
N CYS B 403 7.70 62.65 13.71
CA CYS B 403 8.79 63.56 13.36
C CYS B 403 9.98 63.34 14.29
N GLU B 404 11.18 63.29 13.72
CA GLU B 404 12.37 63.00 14.52
C GLU B 404 12.68 64.12 15.51
N THR B 405 12.08 65.30 15.35
CA THR B 405 12.33 66.42 16.25
C THR B 405 11.57 66.30 17.57
N VAL B 406 10.50 65.51 17.61
CA VAL B 406 9.75 65.28 18.84
C VAL B 406 10.62 64.65 19.90
N GLY B 407 11.56 63.77 19.50
CA GLY B 407 12.44 63.14 20.45
C GLY B 407 11.97 61.83 21.03
N VAL B 408 11.28 61.01 20.22
CA VAL B 408 10.95 59.63 20.60
C VAL B 408 12.09 58.73 20.16
N LYS B 409 12.67 57.99 21.10
CA LYS B 409 13.81 57.15 20.78
C LYS B 409 13.38 55.82 20.17
N LEU B 410 14.07 55.43 19.10
CA LEU B 410 13.88 54.17 18.40
C LEU B 410 15.18 53.35 18.44
N ASP B 411 15.04 52.04 18.22
CA ASP B 411 16.17 51.13 18.24
C ASP B 411 16.68 50.90 16.81
N LYS B 412 17.64 49.98 16.66
CA LYS B 412 18.25 49.73 15.36
C LYS B 412 17.33 49.04 14.37
N ASN B 413 16.24 48.42 14.83
CA ASN B 413 15.27 47.82 13.92
C ASN B 413 14.17 48.78 13.46
N GLY B 414 14.13 49.98 14.03
CA GLY B 414 13.05 50.90 13.74
C GLY B 414 11.89 50.85 14.72
N ARG B 415 12.10 50.37 15.93
CA ARG B 415 11.01 50.19 16.87
C ARG B 415 11.19 51.05 18.10
N VAL B 416 10.07 51.35 18.75
CA VAL B 416 10.02 52.35 19.82
C VAL B 416 10.52 51.73 21.11
N VAL B 417 11.54 52.35 21.70
CA VAL B 417 12.11 51.95 22.99
C VAL B 417 11.22 52.46 24.11
N CYS B 418 10.62 51.55 24.87
CA CYS B 418 9.71 51.94 25.94
C CYS B 418 10.23 51.45 27.29
N THR B 419 9.64 52.00 28.35
CA THR B 419 9.85 51.43 29.67
C THR B 419 8.85 50.29 29.88
N ASP B 420 8.98 49.61 31.01
CA ASP B 420 8.11 48.46 31.24
C ASP B 420 6.70 48.84 31.53
N ASP B 421 6.34 50.12 31.39
CA ASP B 421 4.96 50.57 31.50
C ASP B 421 4.51 51.26 30.22
N GLU B 422 5.21 50.98 29.12
CA GLU B 422 4.95 51.45 27.76
C GLU B 422 5.29 52.93 27.52
N GLN B 423 5.99 53.60 28.44
CA GLN B 423 6.32 55.01 28.22
C GLN B 423 7.52 55.16 27.28
N THR B 424 7.39 56.06 26.30
CA THR B 424 8.50 56.42 25.41
C THR B 424 9.48 57.35 26.14
N THR B 425 10.39 57.96 25.38
CA THR B 425 11.33 58.96 25.90
C THR B 425 10.72 60.36 25.99
N VAL B 426 9.47 60.52 25.59
CA VAL B 426 8.71 61.74 25.77
C VAL B 426 7.60 61.39 26.75
N SER B 427 7.54 62.09 27.88
CA SER B 427 6.83 61.56 29.05
C SER B 427 5.33 61.40 28.84
N ASN B 428 4.72 62.05 27.84
CA ASN B 428 3.27 61.93 27.60
C ASN B 428 2.94 61.04 26.41
N VAL B 429 3.93 60.34 25.87
CA VAL B 429 3.80 59.55 24.64
C VAL B 429 4.11 58.11 24.99
N TYR B 430 3.22 57.19 24.59
CA TYR B 430 3.39 55.77 24.84
C TYR B 430 3.24 55.00 23.52
N ALA B 431 3.81 53.79 23.48
CA ALA B 431 3.68 52.92 22.31
C ALA B 431 3.26 51.50 22.72
N ILE B 432 2.40 50.86 21.91
CA ILE B 432 1.85 49.54 22.22
C ILE B 432 1.84 48.66 20.96
N GLY B 433 1.74 47.35 21.18
CA GLY B 433 1.64 46.42 20.05
C GLY B 433 2.97 46.13 19.35
N ASP B 434 2.87 45.88 18.04
CA ASP B 434 4.02 45.38 17.28
C ASP B 434 5.18 46.38 17.25
N ILE B 435 4.89 47.68 17.38
CA ILE B 435 5.99 48.65 17.28
C ILE B 435 6.74 48.82 18.59
N ASN B 436 6.26 48.23 19.69
CA ASN B 436 6.97 48.26 20.96
C ASN B 436 8.14 47.28 20.91
N ALA B 437 9.37 47.79 21.04
CA ALA B 437 10.56 46.98 20.81
C ALA B 437 10.69 45.85 21.82
N GLY B 438 11.07 44.66 21.33
CA GLY B 438 11.37 43.54 22.18
C GLY B 438 10.17 42.69 22.58
N LYS B 439 8.96 43.20 22.45
CA LYS B 439 7.77 42.52 22.93
C LYS B 439 7.24 41.52 21.91
N PRO B 440 6.53 40.47 22.34
CA PRO B 440 6.01 39.51 21.36
C PRO B 440 4.94 40.17 20.49
N GLN B 441 4.97 39.85 19.20
CA GLN B 441 4.09 40.53 18.25
C GLN B 441 2.84 39.68 18.02
N LEU B 442 1.92 39.75 18.99
CA LEU B 442 0.70 38.94 19.00
C LEU B 442 -0.48 39.82 19.37
N THR B 443 -1.64 39.53 18.74
CA THR B 443 -2.82 40.39 18.89
C THR B 443 -3.37 40.41 20.32
N PRO B 444 -3.46 39.31 21.06
CA PRO B 444 -3.90 39.42 22.46
C PRO B 444 -2.93 40.18 23.34
N VAL B 445 -1.64 40.24 23.00
CA VAL B 445 -0.69 41.05 23.77
C VAL B 445 -0.98 42.54 23.59
N ALA B 446 -1.15 42.97 22.34
CA ALA B 446 -1.56 44.34 22.05
C ALA B 446 -2.83 44.74 22.80
N ILE B 447 -3.82 43.85 22.85
CA ILE B 447 -5.10 44.18 23.47
C ILE B 447 -4.95 44.37 24.98
N GLN B 448 -4.29 43.42 25.64
CA GLN B 448 -3.96 43.56 27.06
C GLN B 448 -3.16 44.83 27.35
N ALA B 449 -2.12 45.08 26.57
CA ALA B 449 -1.29 46.26 26.82
C ALA B 449 -2.14 47.52 26.77
N GLY B 450 -2.89 47.71 25.68
CA GLY B 450 -3.69 48.92 25.53
C GLY B 450 -4.74 49.08 26.61
N ARG B 451 -5.45 47.99 26.92
CA ARG B 451 -6.47 48.04 27.97
C ARG B 451 -5.85 48.41 29.30
N TYR B 452 -4.73 47.78 29.66
CA TYR B 452 -4.12 48.01 30.96
C TYR B 452 -3.50 49.41 31.06
N LEU B 453 -2.99 49.97 29.95
CA LEU B 453 -2.42 51.31 30.03
C LEU B 453 -3.52 52.35 30.21
N ALA B 454 -4.66 52.16 29.54
CA ALA B 454 -5.78 53.08 29.72
C ALA B 454 -6.16 53.22 31.19
N ARG B 455 -6.22 52.10 31.91
CA ARG B 455 -6.57 52.13 33.32
C ARG B 455 -5.52 52.87 34.14
N ARG B 456 -4.24 52.67 33.84
CA ARG B 456 -3.21 53.34 34.62
C ARG B 456 -3.23 54.85 34.39
N LEU B 457 -3.68 55.30 33.21
CA LEU B 457 -3.71 56.72 32.89
C LEU B 457 -4.96 57.41 33.43
N PHE B 458 -6.10 56.72 33.47
CA PHE B 458 -7.34 57.41 33.81
C PHE B 458 -8.12 56.85 34.97
N ALA B 459 -7.81 55.64 35.46
CA ALA B 459 -8.59 55.06 36.53
C ALA B 459 -7.78 54.81 37.80
N GLY B 460 -6.54 55.27 37.87
CA GLY B 460 -5.74 55.05 39.05
C GLY B 460 -5.10 53.68 39.13
N ALA B 461 -5.30 52.81 38.14
CA ALA B 461 -4.75 51.47 38.22
C ALA B 461 -3.23 51.50 38.23
N THR B 462 -2.62 50.42 38.74
CA THR B 462 -1.17 50.29 38.73
C THR B 462 -0.68 48.98 38.13
N GLU B 463 -1.57 48.07 37.74
CA GLU B 463 -1.17 46.80 37.16
C GLU B 463 -0.48 46.98 35.81
N LEU B 464 0.59 46.23 35.57
CA LEU B 464 1.29 46.21 34.30
C LEU B 464 1.02 44.92 33.53
N THR B 465 1.30 44.97 32.23
CA THR B 465 1.19 43.80 31.36
C THR B 465 2.41 42.88 31.54
N ASP B 466 2.15 41.60 31.78
CA ASP B 466 3.19 40.59 31.92
C ASP B 466 3.50 40.00 30.53
N TYR B 467 4.71 40.24 30.03
CA TYR B 467 5.09 39.78 28.70
C TYR B 467 5.78 38.43 28.71
N SER B 468 5.98 37.81 29.88
CA SER B 468 6.75 36.58 29.99
C SER B 468 5.85 35.36 29.76
N ASN B 469 6.40 34.37 29.03
CA ASN B 469 5.78 33.07 28.90
C ASN B 469 4.42 33.13 28.20
N VAL B 470 4.33 33.91 27.12
CA VAL B 470 3.08 34.03 26.36
C VAL B 470 3.06 32.92 25.34
N ALA B 471 1.92 32.25 25.20
CA ALA B 471 1.82 31.06 24.40
C ALA B 471 1.34 31.37 22.98
N THR B 472 1.71 30.50 22.05
CA THR B 472 1.48 30.73 20.64
C THR B 472 0.78 29.52 20.02
N THR B 473 0.47 29.66 18.73
CA THR B 473 0.12 28.50 17.91
C THR B 473 0.33 28.83 16.44
N VAL B 474 1.05 27.95 15.74
CA VAL B 474 1.26 28.05 14.30
C VAL B 474 0.23 27.14 13.62
N PHE B 475 -0.75 27.76 12.93
CA PHE B 475 -1.85 27.01 12.33
C PHE B 475 -1.50 26.42 10.94
N THR B 476 -0.33 25.76 10.85
CA THR B 476 0.08 24.87 9.76
C THR B 476 -0.87 23.68 9.65
N PRO B 477 -0.84 22.89 8.54
CA PRO B 477 -1.83 21.81 8.39
C PRO B 477 -1.94 20.91 9.62
N LEU B 478 -0.84 20.59 10.28
CA LEU B 478 -0.84 20.05 11.62
C LEU B 478 -0.34 21.15 12.55
N GLU B 479 -1.12 21.48 13.57
CA GLU B 479 -0.86 22.69 14.34
C GLU B 479 0.26 22.48 15.35
N TYR B 480 0.83 23.60 15.81
CA TYR B 480 1.94 23.60 16.75
C TYR B 480 1.72 24.67 17.82
N GLY B 481 1.29 24.24 19.03
CA GLY B 481 1.23 25.13 20.19
C GLY B 481 2.48 25.08 21.06
N ALA B 482 2.78 26.21 21.72
CA ALA B 482 3.94 26.29 22.61
C ALA B 482 3.69 27.30 23.71
N CYS B 483 4.30 27.06 24.89
CA CYS B 483 4.35 28.02 25.99
C CYS B 483 5.68 27.86 26.74
N GLY B 484 6.56 28.86 26.64
CA GLY B 484 7.84 28.85 27.32
C GLY B 484 9.05 28.68 26.40
N LEU B 485 10.14 28.20 26.99
CA LEU B 485 11.40 28.12 26.27
C LEU B 485 11.43 26.94 25.31
N SER B 486 12.09 27.14 24.18
CA SER B 486 12.54 26.01 23.37
C SER B 486 13.57 25.16 24.13
N GLU B 487 13.67 23.90 23.70
CA GLU B 487 14.67 22.99 24.26
C GLU B 487 16.08 23.56 24.14
N GLU B 488 16.45 24.07 22.97
CA GLU B 488 17.80 24.61 22.83
C GLU B 488 17.99 25.81 23.76
N ASP B 489 16.99 26.67 23.88
CA ASP B 489 17.16 27.87 24.72
C ASP B 489 17.34 27.50 26.20
N ALA B 490 16.51 26.58 26.72
CA ALA B 490 16.71 26.07 28.08
C ALA B 490 18.10 25.48 28.28
N ILE B 491 18.54 24.60 27.37
CA ILE B 491 19.86 23.99 27.54
C ILE B 491 20.94 25.05 27.58
N GLU B 492 20.95 25.94 26.58
CA GLU B 492 21.95 27.00 26.54
C GLU B 492 21.93 27.86 27.81
N LYS B 493 20.75 28.10 28.39
CA LYS B 493 20.67 28.96 29.57
C LYS B 493 21.11 28.28 30.86
N TYR B 494 20.85 26.98 31.04
CA TYR B 494 21.18 26.31 32.29
C TYR B 494 22.20 25.18 32.20
N GLY B 495 22.43 24.60 31.04
CA GLY B 495 23.36 23.50 30.97
C GLY B 495 22.68 22.17 30.76
N ASP B 496 23.25 21.33 29.88
CA ASP B 496 22.58 20.10 29.47
C ASP B 496 22.28 19.19 30.66
N LYS B 497 23.19 19.10 31.61
CA LYS B 497 23.01 18.20 32.73
C LYS B 497 22.02 18.72 33.78
N ASP B 498 21.48 19.92 33.60
CA ASP B 498 20.42 20.44 34.46
C ASP B 498 19.03 20.42 33.82
N ILE B 499 18.89 19.87 32.61
CA ILE B 499 17.62 19.83 31.92
C ILE B 499 17.23 18.38 31.69
N GLU B 500 16.01 18.03 32.07
CA GLU B 500 15.37 16.76 31.73
C GLU B 500 14.21 17.03 30.79
N VAL B 501 13.99 16.14 29.82
CA VAL B 501 12.91 16.32 28.85
C VAL B 501 12.03 15.07 28.81
N TYR B 502 10.74 15.24 29.05
CA TYR B 502 9.75 14.16 28.97
C TYR B 502 8.97 14.33 27.67
N HIS B 503 9.01 13.32 26.80
CA HIS B 503 8.35 13.41 25.51
C HIS B 503 7.61 12.12 25.20
N SER B 504 6.69 12.20 24.23
CA SER B 504 5.92 11.05 23.76
C SER B 504 5.14 11.30 22.47
N ASN B 505 5.21 10.36 21.53
CA ASN B 505 4.30 10.36 20.40
C ASN B 505 2.87 10.09 20.89
N PHE B 506 1.88 10.46 20.08
CA PHE B 506 0.50 10.05 20.33
C PHE B 506 -0.27 10.01 19.03
N LYS B 507 -1.45 9.39 19.08
CA LYS B 507 -2.35 9.28 17.94
C LYS B 507 -3.76 9.67 18.38
N PRO B 508 -4.36 10.69 17.76
CA PRO B 508 -5.74 11.05 18.11
C PRO B 508 -6.66 9.88 17.88
N LEU B 509 -7.68 9.74 18.75
CA LEU B 509 -8.64 8.66 18.57
C LEU B 509 -9.46 8.85 17.30
N GLU B 510 -9.63 10.09 16.85
CA GLU B 510 -10.38 10.38 15.62
C GLU B 510 -9.62 9.96 14.36
N TRP B 511 -8.34 9.60 14.48
CA TRP B 511 -7.49 9.18 13.38
C TRP B 511 -7.45 7.67 13.21
N THR B 512 -7.95 6.91 14.18
CA THR B 512 -7.82 5.46 14.13
C THR B 512 -8.66 4.87 13.01
N VAL B 513 -9.97 5.15 13.01
CA VAL B 513 -10.84 4.64 11.95
C VAL B 513 -10.51 5.27 10.60
N ALA B 514 -9.91 6.46 10.59
CA ALA B 514 -9.58 7.12 9.33
C ALA B 514 -8.28 6.61 8.70
N HIS B 515 -7.60 5.63 9.33
CA HIS B 515 -6.30 5.12 8.87
C HIS B 515 -5.29 6.25 8.64
N ARG B 516 -5.07 7.08 9.64
CA ARG B 516 -4.06 8.14 9.58
C ARG B 516 -2.81 7.72 10.35
N GLU B 517 -1.79 8.57 10.35
CA GLU B 517 -0.46 8.13 10.76
C GLU B 517 -0.38 7.84 12.26
N ASP B 518 0.50 6.89 12.60
CA ASP B 518 0.61 6.34 13.95
C ASP B 518 1.52 7.16 14.86
N ASN B 519 2.65 7.63 14.37
CA ASN B 519 3.65 8.23 15.24
C ASN B 519 4.10 9.57 14.64
N VAL B 520 3.14 10.44 14.37
CA VAL B 520 3.47 11.78 13.88
C VAL B 520 3.01 12.88 14.83
N CYS B 521 2.01 12.66 15.68
CA CYS B 521 1.75 13.67 16.69
C CYS B 521 2.71 13.50 17.85
N TYR B 522 3.08 14.61 18.48
CA TYR B 522 4.21 14.57 19.39
C TYR B 522 4.08 15.66 20.44
N MET B 523 4.60 15.40 21.63
CA MET B 523 4.62 16.43 22.66
C MET B 523 5.81 16.19 23.57
N LYS B 524 6.19 17.25 24.30
CA LYS B 524 7.32 17.19 25.21
C LYS B 524 7.20 18.26 26.27
N LEU B 525 7.80 17.98 27.44
CA LEU B 525 7.94 18.91 28.55
C LEU B 525 9.44 19.09 28.84
N VAL B 526 9.92 20.33 28.73
CA VAL B 526 11.29 20.71 29.03
C VAL B 526 11.35 21.19 30.49
N CYS B 527 12.18 20.56 31.32
CA CYS B 527 12.13 20.79 32.77
C CYS B 527 13.52 20.98 33.36
N ARG B 528 13.58 21.69 34.49
CA ARG B 528 14.85 22.03 35.14
C ARG B 528 15.00 21.27 36.46
N LYS B 529 16.00 20.39 36.49
CA LYS B 529 16.14 19.46 37.60
C LYS B 529 16.37 20.18 38.92
N SER B 530 17.25 21.17 38.93
CA SER B 530 17.65 21.81 40.18
C SER B 530 16.60 22.74 40.75
N ASP B 531 15.47 22.92 40.05
CA ASP B 531 14.38 23.76 40.52
C ASP B 531 13.08 22.96 40.65
N ASN B 532 13.13 21.80 41.31
CA ASN B 532 11.94 21.00 41.58
C ASN B 532 11.35 20.40 40.32
N MET B 533 12.14 20.30 39.25
CA MET B 533 11.69 19.83 37.93
C MET B 533 10.60 20.77 37.39
N ARG B 534 10.82 22.08 37.55
CA ARG B 534 9.94 23.12 37.00
C ARG B 534 9.80 22.97 35.49
N VAL B 535 8.57 23.17 35.00
CA VAL B 535 8.33 23.09 33.56
C VAL B 535 8.82 24.38 32.93
N LEU B 536 9.80 24.29 32.02
CA LEU B 536 10.33 25.49 31.39
C LEU B 536 9.66 25.80 30.06
N GLY B 537 9.22 24.77 29.34
CA GLY B 537 8.42 24.96 28.14
C GLY B 537 7.54 23.75 27.90
N LEU B 538 6.38 24.02 27.30
CA LEU B 538 5.47 22.98 26.83
C LEU B 538 5.39 23.05 25.30
N HIS B 539 5.32 21.88 24.66
CA HIS B 539 5.27 21.77 23.19
C HIS B 539 4.35 20.62 22.78
N VAL B 540 3.47 20.86 21.80
CA VAL B 540 2.62 19.81 21.24
C VAL B 540 2.34 20.01 19.75
N LEU B 541 2.68 19.02 18.92
CA LEU B 541 2.25 18.97 17.52
C LEU B 541 1.03 18.05 17.40
N GLY B 542 -0.11 18.64 17.06
CA GLY B 542 -1.27 17.86 16.75
C GLY B 542 -2.46 18.71 16.39
N PRO B 543 -3.63 18.09 16.28
CA PRO B 543 -4.85 18.83 15.95
C PRO B 543 -5.35 19.60 17.16
N ASN B 544 -5.99 20.75 16.88
CA ASN B 544 -6.57 21.62 17.91
C ASN B 544 -5.50 22.09 18.91
N ALA B 545 -4.30 22.42 18.41
CA ALA B 545 -3.18 22.65 19.32
C ALA B 545 -3.40 23.89 20.19
N GLY B 546 -4.21 24.84 19.72
CA GLY B 546 -4.39 26.07 20.47
C GLY B 546 -5.29 25.85 21.65
N GLU B 547 -6.37 25.09 21.42
CA GLU B 547 -7.22 24.73 22.54
C GLU B 547 -6.48 23.85 23.54
N ILE B 548 -5.57 23.00 23.05
CA ILE B 548 -4.79 22.13 23.94
C ILE B 548 -3.88 22.97 24.83
N THR B 549 -3.08 23.85 24.20
CA THR B 549 -2.01 24.58 24.89
C THR B 549 -2.55 25.58 25.92
N GLN B 550 -3.62 26.30 25.58
CA GLN B 550 -4.04 27.51 26.31
C GLN B 550 -4.19 27.29 27.82
N GLY B 551 -4.88 26.22 28.22
CA GLY B 551 -5.07 25.98 29.62
C GLY B 551 -3.76 25.79 30.39
N TYR B 552 -2.75 25.20 29.75
CA TYR B 552 -1.49 25.00 30.47
C TYR B 552 -0.72 26.32 30.68
N ALA B 553 -1.02 27.37 29.89
CA ALA B 553 -0.36 28.65 30.11
C ALA B 553 -0.68 29.23 31.48
N VAL B 554 -1.86 28.95 32.04
CA VAL B 554 -2.13 29.45 33.39
C VAL B 554 -1.22 28.74 34.40
N ALA B 555 -1.03 27.43 34.23
CA ALA B 555 -0.24 26.64 35.18
C ALA B 555 1.24 27.00 35.09
N ILE B 556 1.75 27.18 33.88
CA ILE B 556 3.11 27.64 33.67
C ILE B 556 3.31 29.01 34.31
N LYS B 557 2.36 29.91 34.10
CA LYS B 557 2.40 31.23 34.72
C LYS B 557 2.55 31.12 36.23
N MET B 558 1.93 30.10 36.81
CA MET B 558 1.91 29.89 38.25
C MET B 558 3.14 29.14 38.75
N GLY B 559 3.97 28.63 37.84
CA GLY B 559 5.17 27.92 38.19
C GLY B 559 5.00 26.41 38.29
N ALA B 560 4.27 25.80 37.37
CA ALA B 560 4.00 24.37 37.48
C ALA B 560 5.28 23.55 37.41
N THR B 561 5.28 22.46 38.16
CA THR B 561 6.31 21.43 38.14
C THR B 561 5.77 20.17 37.48
N LYS B 562 6.69 19.25 37.17
CA LYS B 562 6.30 17.96 36.62
C LYS B 562 5.41 17.21 37.60
N ALA B 563 5.63 17.39 38.90
CA ALA B 563 4.75 16.73 39.86
C ALA B 563 3.32 17.26 39.76
N ASP B 564 3.16 18.54 39.42
CA ASP B 564 1.81 19.09 39.30
C ASP B 564 1.06 18.44 38.15
N PHE B 565 1.71 18.34 36.97
CA PHE B 565 1.12 17.60 35.85
C PHE B 565 0.84 16.16 36.27
N ASP B 566 1.73 15.56 37.06
CA ASP B 566 1.59 14.15 37.41
C ASP B 566 0.33 13.90 38.23
N ARG B 567 0.10 14.71 39.26
CA ARG B 567 -1.01 14.41 40.16
C ARG B 567 -2.37 14.87 39.62
N THR B 568 -2.39 15.69 38.57
CA THR B 568 -3.63 15.99 37.89
C THR B 568 -4.08 14.78 37.07
N ILE B 569 -5.38 14.56 36.99
CA ILE B 569 -5.92 13.38 36.30
C ILE B 569 -6.42 13.79 34.92
N GLY B 570 -6.31 12.86 33.99
CA GLY B 570 -6.59 13.20 32.61
C GLY B 570 -8.04 13.07 32.28
N ILE B 571 -8.42 13.68 31.15
CA ILE B 571 -9.79 13.61 30.63
C ILE B 571 -9.77 12.68 29.43
N HIS B 572 -10.59 11.64 29.48
CA HIS B 572 -10.51 10.56 28.50
C HIS B 572 -11.82 10.44 27.71
N PRO B 573 -11.74 10.29 26.38
CA PRO B 573 -10.53 10.27 25.55
C PRO B 573 -10.20 11.62 24.94
N THR B 574 -9.01 12.18 25.17
CA THR B 574 -8.59 13.41 24.51
C THR B 574 -7.12 13.30 24.10
N CYS B 575 -6.71 14.18 23.18
CA CYS B 575 -5.28 14.31 22.93
C CYS B 575 -4.55 14.88 24.15
N SER B 576 -5.09 15.95 24.73
CA SER B 576 -4.36 16.71 25.75
C SER B 576 -3.95 15.85 26.93
N GLU B 577 -4.79 14.87 27.31
CA GLU B 577 -4.54 14.03 28.48
C GLU B 577 -3.19 13.34 28.46
N THR B 578 -2.57 13.19 27.27
CA THR B 578 -1.26 12.58 27.20
C THR B 578 -0.22 13.38 27.99
N PHE B 579 -0.49 14.67 28.26
CA PHE B 579 0.40 15.47 29.12
C PHE B 579 0.37 15.03 30.57
N THR B 580 -0.69 14.39 31.04
CA THR B 580 -0.76 14.01 32.46
C THR B 580 -0.07 12.69 32.77
N THR B 581 0.53 12.01 31.78
CA THR B 581 1.16 10.71 32.02
C THR B 581 2.53 10.56 31.36
N LEU B 582 3.22 11.65 31.00
CA LEU B 582 4.53 11.52 30.38
C LEU B 582 5.49 10.82 31.35
N HIS B 583 6.48 10.10 30.78
CA HIS B 583 7.39 9.34 31.62
C HIS B 583 8.68 8.90 30.93
N VAL B 584 8.67 8.80 29.61
CA VAL B 584 9.91 8.54 28.87
C VAL B 584 10.74 9.81 28.85
N THR B 585 12.02 9.71 29.25
CA THR B 585 12.94 10.83 29.16
C THR B 585 13.82 10.71 27.93
N LYS B 586 14.34 11.86 27.48
CA LYS B 586 15.27 11.86 26.36
C LYS B 586 16.58 11.18 26.73
N LYS B 587 17.11 11.44 27.93
CA LYS B 587 18.39 10.85 28.32
C LYS B 587 18.32 9.34 28.42
N SER B 588 17.13 8.78 28.70
CA SER B 588 17.04 7.34 28.89
C SER B 588 17.21 6.56 27.60
N GLY B 589 17.09 7.22 26.45
CA GLY B 589 17.22 6.57 25.17
C GLY B 589 16.01 5.77 24.70
N VAL B 590 14.99 5.62 25.54
CA VAL B 590 13.82 4.81 25.18
C VAL B 590 13.00 5.51 24.10
N SER B 591 12.45 4.70 23.18
CA SER B 591 11.68 5.28 22.09
C SER B 591 10.41 5.93 22.62
N PRO B 592 9.89 6.97 21.93
CA PRO B 592 8.63 7.59 22.38
C PRO B 592 7.39 7.20 21.59
N ILE B 593 7.40 6.07 20.85
CA ILE B 593 6.34 5.74 19.89
C ILE B 593 5.17 5.03 20.55
N VAL B 594 4.00 5.14 19.93
CA VAL B 594 2.77 4.50 20.45
C VAL B 594 2.84 3.01 20.14
#